data_3QUY
#
_entry.id   3QUY
#
_cell.length_a   78.765
_cell.length_b   192.005
_cell.length_c   150.922
_cell.angle_alpha   90.00
_cell.angle_beta   90.00
_cell.angle_gamma   90.00
#
_symmetry.space_group_name_H-M   'C 2 2 21'
#
loop_
_entity.id
_entity.type
_entity.pdbx_description
1 polymer 'Antigen-presenting glycoprotein CD1d1'
2 polymer 'Beta-2 microglobulin'
3 polymer 'Valpha14 (mouse variable domain, human constant domain)'
4 polymer 'Vbeta8.2 (mouse variable domain, human constant domain)'
5 branched 2-acetamido-2-deoxy-beta-D-glucopyranose-(1-4)-[alpha-L-fucopyranose-(1-6)]2-acetamido-2-deoxy-beta-D-glucopyranose
6 non-polymer 2-acetamido-2-deoxy-beta-D-glucopyranose
7 non-polymer (2S,3R,4S,5R,6S)-6-[(2S,3S,4R)-2-(hexacosanoylamino)-3,4-dihydroxy-octadecoxy]-3,4,5-trihydroxy-N-(phenylmethyl)oxane-2-carboxamide
8 non-polymer GLYCEROL
9 water water
#
loop_
_entity_poly.entity_id
_entity_poly.type
_entity_poly.pdbx_seq_one_letter_code
_entity_poly.pdbx_strand_id
1 'polypeptide(L)'
;SEAQQKNYTFRCLQMSSFANRSWSRTDSVVWLGDLQTHRWSNDSATISFTKPWSQGKLSNQQWEKLQHMFQVYRVSFTRD
IQELVKMMSPKEDYPIEIQLSAGCEMYPGNASESFLHVAFQGKYVVRFWGTSWQTVPGAPSWLDLPIKVLNADQGTSATV
QMLLNDTCPLFVRGLLEAGKSDLEKQEKPVAWLSSVPSSAHGHRQLVCHVSGFYPKPVWVMWMRGDQEQQGTHRGDFLPN
ADETWYLQATLDVEAGEEAGLACRVKHSSLGGQDIILYWHHHHHH
;
A
2 'polypeptide(L)'
;IQKTPQIQVYSRHPPENGKPNILNCYVTQFHPPHIEIQMLKNGKKIPKVEMSDMSFSKDWSFYILAHTEFTPTETDTYAC
RVKHASMAEPKTVYWDRDM
;
B
3 'polypeptide(L)'
;MKTQVEQSPQSLVVRQGENCVLQCNYSVTPDNHLRWFKQDTGKGLVSLTVLVDQKDKTSNGRYSATLDKDAKHSTLHITA
TLLDDTATYICVVGDRGSALGRLHFGAGTQLIVIPDIQNPDPAVYQLRDSKSSDKSVCLFTDFDSQTNVSQSKDSDVYIT
DKCVLDMRSMDFKSNSAVAWSNKSDFACANAFNNSIIPEDTFFPSPESS
;
C
4 'polypeptide(L)'
;MEAAVTQSPRNKVAVTGGKVTLSCNQTNNHNNMYWYRQDTGHGLRLIHYSYGAGSTEKGDIPDGYKASRPSQENFSLILE
LATPSQTSVYFCASGDEGYTQYFGPGTRLLVLEDLRNVTPPKVSLFEPSKAEISHTQKATLVCLATGFYPDHVELSWWVN
GKEVHSGVCTDPQPLKEQPALNDSRYSLSSRLRVSATFWQNPRNHFRCQVQFYGLSENDEWTQDRAKPVTQIVSAEAWGR
A
;
D
#
# COMPACT_ATOMS: atom_id res chain seq x y z
N LYS A 6 -11.34 -42.47 -11.17
CA LYS A 6 -11.72 -41.78 -12.44
C LYS A 6 -11.65 -40.24 -12.33
N ASN A 7 -12.52 -39.63 -11.52
CA ASN A 7 -12.50 -38.17 -11.28
C ASN A 7 -11.58 -37.80 -10.11
N TYR A 8 -10.75 -36.78 -10.29
CA TYR A 8 -9.84 -36.35 -9.23
C TYR A 8 -10.05 -34.88 -8.90
N THR A 9 -10.16 -34.58 -7.61
CA THR A 9 -10.27 -33.20 -7.17
C THR A 9 -8.96 -32.75 -6.54
N PHE A 10 -8.49 -31.62 -7.03
CA PHE A 10 -7.28 -31.01 -6.61
C PHE A 10 -7.71 -29.83 -5.76
N ARG A 11 -7.23 -29.82 -4.52
CA ARG A 11 -7.58 -28.80 -3.54
C ARG A 11 -6.33 -28.21 -2.91
N CYS A 12 -6.24 -26.88 -2.96
CA CYS A 12 -5.29 -26.07 -2.25
C CYS A 12 -6.07 -25.51 -1.07
N LEU A 13 -5.63 -25.87 0.13
CA LEU A 13 -6.35 -25.53 1.34
C LEU A 13 -5.48 -24.56 2.09
N GLN A 14 -5.95 -23.31 2.20
CA GLN A 14 -5.24 -22.30 2.95
C GLN A 14 -5.91 -22.06 4.28
N MET A 15 -5.11 -22.05 5.34
CA MET A 15 -5.67 -21.71 6.64
C MET A 15 -4.86 -20.60 7.26
N SER A 16 -5.53 -19.47 7.52
CA SER A 16 -4.90 -18.27 8.05
C SER A 16 -5.52 -17.84 9.37
N SER A 17 -4.69 -17.71 10.39
CA SER A 17 -5.14 -17.19 11.67
C SER A 17 -4.57 -15.81 11.93
N PHE A 18 -5.45 -14.92 12.37
CA PHE A 18 -5.09 -13.59 12.80
C PHE A 18 -5.58 -13.45 14.24
N ALA A 19 -4.65 -13.53 15.19
CA ALA A 19 -4.94 -13.49 16.62
C ALA A 19 -5.23 -12.09 17.11
N ASN A 20 -4.56 -11.10 16.52
CA ASN A 20 -4.73 -9.68 16.85
C ASN A 20 -4.11 -8.87 15.70
N ARG A 21 -3.95 -7.55 15.89
CA ARG A 21 -3.44 -6.64 14.85
C ARG A 21 -2.08 -7.01 14.28
N SER A 22 -1.20 -7.62 15.08
CA SER A 22 0.17 -7.84 14.62
C SER A 22 0.50 -9.29 14.26
N TRP A 23 0.03 -10.23 15.08
CA TRP A 23 0.30 -11.67 14.92
C TRP A 23 -0.62 -12.38 13.91
N SER A 24 -0.02 -13.12 12.99
CA SER A 24 -0.80 -13.97 12.09
C SER A 24 0.07 -15.09 11.51
N ARG A 25 -0.58 -16.12 11.01
CA ARG A 25 0.12 -17.16 10.31
C ARG A 25 -0.77 -17.79 9.24
N THR A 26 -0.14 -18.20 8.14
CA THR A 26 -0.82 -18.84 7.05
C THR A 26 -0.11 -20.14 6.73
N ASP A 27 -0.87 -21.23 6.73
CA ASP A 27 -0.39 -22.55 6.37
C ASP A 27 -1.29 -23.16 5.31
N SER A 28 -0.69 -23.78 4.32
CA SER A 28 -1.44 -24.46 3.27
C SER A 28 -0.97 -25.87 3.00
N VAL A 29 -1.91 -26.69 2.59
CA VAL A 29 -1.64 -28.03 2.16
C VAL A 29 -2.34 -28.22 0.83
N VAL A 30 -1.84 -29.15 0.02
CA VAL A 30 -2.42 -29.34 -1.30
C VAL A 30 -2.69 -30.83 -1.48
N TRP A 31 -3.90 -31.16 -1.97
CA TRP A 31 -4.31 -32.55 -2.16
C TRP A 31 -4.75 -32.80 -3.60
N LEU A 32 -4.41 -33.98 -4.10
CA LEU A 32 -4.94 -34.50 -5.34
C LEU A 32 -5.67 -35.77 -4.99
N GLY A 33 -7.00 -35.76 -5.06
CA GLY A 33 -7.77 -36.85 -4.48
C GLY A 33 -7.48 -36.86 -2.99
N ASP A 34 -7.14 -38.02 -2.46
CA ASP A 34 -6.78 -38.14 -1.05
C ASP A 34 -5.24 -38.27 -0.81
N LEU A 35 -4.42 -37.90 -1.79
CA LEU A 35 -2.96 -37.87 -1.63
C LEU A 35 -2.45 -36.44 -1.54
N GLN A 36 -1.57 -36.18 -0.56
CA GLN A 36 -1.05 -34.85 -0.37
C GLN A 36 0.09 -34.66 -1.32
N THR A 37 0.09 -33.51 -1.97
CA THR A 37 1.09 -33.24 -3.00
C THR A 37 2.03 -32.11 -2.62
N HIS A 38 1.56 -31.17 -1.82
CA HIS A 38 2.37 -30.04 -1.38
C HIS A 38 2.05 -29.66 0.07
N ARG A 39 2.98 -28.97 0.69
CA ARG A 39 2.79 -28.42 1.99
C ARG A 39 3.48 -27.05 1.97
N TRP A 40 2.84 -26.04 2.54
CA TRP A 40 3.47 -24.74 2.63
C TRP A 40 3.26 -24.15 4.01
N SER A 41 4.26 -24.34 4.84
CA SER A 41 4.20 -23.91 6.21
C SER A 41 4.45 -22.42 6.28
N ASN A 42 3.85 -21.75 7.27
CA ASN A 42 4.13 -20.35 7.50
C ASN A 42 5.62 -20.07 7.70
N ASP A 43 6.34 -21.01 8.31
CA ASP A 43 7.78 -20.88 8.62
C ASP A 43 8.66 -20.95 7.38
N SER A 44 8.06 -21.31 6.24
CA SER A 44 8.82 -21.63 5.04
C SER A 44 8.61 -20.60 3.94
N ALA A 45 9.72 -20.17 3.34
CA ALA A 45 9.68 -19.18 2.28
C ALA A 45 9.16 -19.84 0.99
N THR A 46 9.31 -21.17 0.90
CA THR A 46 8.96 -21.91 -0.30
C THR A 46 7.94 -23.02 -0.06
N ILE A 47 7.20 -23.35 -1.12
CA ILE A 47 6.26 -24.46 -1.11
C ILE A 47 7.05 -25.76 -1.20
N SER A 48 6.71 -26.74 -0.38
CA SER A 48 7.44 -28.01 -0.38
C SER A 48 6.66 -29.09 -1.10
N PHE A 49 7.38 -29.88 -1.91
CA PHE A 49 6.81 -31.06 -2.56
C PHE A 49 6.71 -32.18 -1.54
N THR A 50 5.59 -32.89 -1.51
CA THR A 50 5.42 -34.01 -0.60
C THR A 50 5.39 -35.30 -1.42
N LYS A 51 5.56 -35.16 -2.74
CA LYS A 51 5.70 -36.32 -3.62
C LYS A 51 6.86 -36.10 -4.55
N PRO A 52 7.50 -37.18 -5.04
CA PRO A 52 8.54 -36.90 -6.04
C PRO A 52 8.01 -36.14 -7.28
N TRP A 53 6.74 -36.39 -7.63
CA TRP A 53 6.09 -35.81 -8.82
C TRP A 53 5.27 -34.51 -8.63
N SER A 54 5.35 -33.90 -7.45
CA SER A 54 4.54 -32.75 -7.12
C SER A 54 4.76 -31.50 -8.00
N GLN A 55 5.79 -31.49 -8.84
CA GLN A 55 5.98 -30.39 -9.79
C GLN A 55 5.15 -30.63 -11.05
N GLY A 56 4.56 -31.81 -11.17
CA GLY A 56 3.77 -32.14 -12.35
C GLY A 56 4.61 -32.15 -13.60
N LYS A 57 4.10 -31.53 -14.66
CA LYS A 57 4.81 -31.44 -15.94
C LYS A 57 5.33 -30.01 -16.14
N LEU A 58 5.26 -29.20 -15.09
CA LEU A 58 5.85 -27.86 -15.13
C LEU A 58 7.40 -27.90 -15.17
N SER A 59 7.98 -27.21 -16.15
CA SER A 59 9.42 -26.93 -16.13
C SER A 59 9.79 -26.18 -14.86
N ASN A 60 11.07 -26.27 -14.49
CA ASN A 60 11.62 -25.52 -13.36
C ASN A 60 11.27 -24.03 -13.45
N GLN A 61 11.34 -23.48 -14.65
CA GLN A 61 11.11 -22.05 -14.85
C GLN A 61 9.67 -21.68 -14.53
N GLN A 62 8.73 -22.51 -15.00
CA GLN A 62 7.31 -22.26 -14.78
C GLN A 62 6.95 -22.49 -13.33
N TRP A 63 7.57 -23.49 -12.71
CA TRP A 63 7.35 -23.74 -11.29
C TRP A 63 7.82 -22.54 -10.45
N GLU A 64 9.05 -22.10 -10.71
CA GLU A 64 9.62 -20.98 -9.98
C GLU A 64 8.78 -19.71 -10.09
N LYS A 65 8.30 -19.45 -11.30
CA LYS A 65 7.42 -18.30 -11.58
C LYS A 65 6.09 -18.43 -10.84
N LEU A 66 5.57 -19.66 -10.76
CA LEU A 66 4.30 -19.88 -10.12
C LEU A 66 4.47 -19.78 -8.59
N GLN A 67 5.52 -20.38 -8.05
CA GLN A 67 5.80 -20.25 -6.64
C GLN A 67 5.99 -18.77 -6.26
N HIS A 68 6.77 -18.03 -7.06
CA HIS A 68 6.97 -16.61 -6.78
C HIS A 68 5.66 -15.81 -6.70
N MET A 69 4.74 -16.04 -7.62
CA MET A 69 3.42 -15.45 -7.50
C MET A 69 2.74 -15.78 -6.15
N PHE A 70 2.78 -17.05 -5.73
CA PHE A 70 2.21 -17.40 -4.45
C PHE A 70 2.97 -16.77 -3.28
N GLN A 71 4.29 -16.69 -3.34
CA GLN A 71 5.05 -16.01 -2.28
C GLN A 71 4.59 -14.59 -2.09
N VAL A 72 4.39 -13.85 -3.18
CA VAL A 72 3.88 -12.47 -3.10
C VAL A 72 2.42 -12.43 -2.61
N TYR A 73 1.64 -13.41 -3.07
CA TYR A 73 0.28 -13.53 -2.62
C TYR A 73 0.21 -13.68 -1.10
N ARG A 74 1.07 -14.53 -0.54
CA ARG A 74 0.91 -14.84 0.87
C ARG A 74 1.13 -13.59 1.74
N VAL A 75 2.17 -12.83 1.42
CA VAL A 75 2.43 -11.53 2.08
C VAL A 75 1.29 -10.51 1.84
N SER A 76 0.78 -10.44 0.62
CA SER A 76 -0.22 -9.48 0.24
C SER A 76 -1.56 -9.76 0.91
N PHE A 77 -2.01 -11.02 0.81
CA PHE A 77 -3.21 -11.50 1.48
C PHE A 77 -3.21 -11.06 2.94
N THR A 78 -2.08 -11.33 3.58
CA THR A 78 -1.94 -11.09 5.01
C THR A 78 -2.18 -9.60 5.35
N ARG A 79 -1.50 -8.69 4.62
CA ARG A 79 -1.74 -7.26 4.84
C ARG A 79 -3.15 -6.85 4.46
N ASP A 80 -3.66 -7.41 3.37
CA ASP A 80 -5.01 -7.09 2.95
C ASP A 80 -6.08 -7.38 4.00
N ILE A 81 -6.03 -8.56 4.59
CA ILE A 81 -6.93 -8.89 5.68
C ILE A 81 -6.80 -7.86 6.80
N GLN A 82 -5.56 -7.58 7.21
CA GLN A 82 -5.32 -6.65 8.30
C GLN A 82 -5.92 -5.29 8.02
N GLU A 83 -5.88 -4.87 6.74
CA GLU A 83 -6.42 -3.59 6.34
C GLU A 83 -7.93 -3.68 6.19
N LEU A 84 -8.43 -4.82 5.75
CA LEU A 84 -9.90 -5.03 5.70
C LEU A 84 -10.55 -5.00 7.09
N VAL A 85 -9.81 -5.46 8.10
CA VAL A 85 -10.27 -5.40 9.49
C VAL A 85 -10.33 -3.95 9.96
N LYS A 86 -9.23 -3.22 9.79
CA LYS A 86 -9.26 -1.78 10.01
C LYS A 86 -10.44 -1.08 9.31
N MET A 87 -10.70 -1.45 8.06
CA MET A 87 -11.76 -0.82 7.29
C MET A 87 -13.15 -1.09 7.86
N MET A 88 -13.35 -2.28 8.39
CA MET A 88 -14.68 -2.70 8.88
C MET A 88 -14.90 -2.38 10.36
N SER A 89 -13.83 -2.07 11.07
CA SER A 89 -13.92 -1.98 12.53
C SER A 89 -14.90 -0.88 12.97
N PRO A 90 -15.51 -1.03 14.16
CA PRO A 90 -15.32 -2.13 15.11
C PRO A 90 -16.26 -3.31 14.88
N LYS A 91 -16.84 -3.39 13.69
CA LYS A 91 -17.81 -4.44 13.33
C LYS A 91 -17.18 -5.81 13.52
N GLU A 92 -15.98 -5.96 12.97
CA GLU A 92 -15.28 -7.21 13.06
C GLU A 92 -14.00 -7.02 13.85
N ASP A 93 -13.74 -7.92 14.77
CA ASP A 93 -12.49 -7.90 15.51
C ASP A 93 -11.76 -9.24 15.46
N TYR A 94 -10.48 -9.17 15.79
CA TYR A 94 -9.65 -10.32 16.06
C TYR A 94 -10.19 -11.05 17.29
N PRO A 95 -9.94 -12.38 17.41
CA PRO A 95 -9.23 -13.26 16.47
C PRO A 95 -10.07 -13.58 15.24
N ILE A 96 -9.40 -13.80 14.10
CA ILE A 96 -10.05 -14.10 12.84
C ILE A 96 -9.39 -15.32 12.21
N GLU A 97 -10.22 -16.28 11.77
N GLU A 97 -10.23 -16.25 11.75
CA GLU A 97 -9.74 -17.39 10.96
CA GLU A 97 -9.77 -17.43 10.98
C GLU A 97 -10.30 -17.27 9.55
C GLU A 97 -10.32 -17.33 9.55
N ILE A 98 -9.43 -17.38 8.57
CA ILE A 98 -9.84 -17.38 7.17
C ILE A 98 -9.33 -18.66 6.53
N GLN A 99 -10.19 -19.35 5.78
CA GLN A 99 -9.79 -20.53 5.03
C GLN A 99 -10.13 -20.35 3.57
N LEU A 100 -9.25 -20.84 2.70
CA LEU A 100 -9.55 -20.87 1.27
C LEU A 100 -9.45 -22.30 0.84
N SER A 101 -10.44 -22.74 0.08
CA SER A 101 -10.36 -23.99 -0.63
C SER A 101 -10.47 -23.66 -2.12
N ALA A 102 -9.40 -23.91 -2.86
CA ALA A 102 -9.32 -23.55 -4.27
C ALA A 102 -8.73 -24.70 -5.06
N GLY A 103 -9.16 -24.86 -6.31
CA GLY A 103 -8.62 -25.91 -7.16
C GLY A 103 -9.56 -26.22 -8.31
N CYS A 104 -9.57 -27.47 -8.74
CA CYS A 104 -10.36 -27.88 -9.89
C CYS A 104 -10.64 -29.37 -9.80
N GLU A 105 -11.83 -29.78 -10.26
CA GLU A 105 -12.16 -31.20 -10.42
C GLU A 105 -12.01 -31.57 -11.89
N MET A 106 -11.30 -32.67 -12.16
CA MET A 106 -10.99 -33.14 -13.52
C MET A 106 -11.92 -34.27 -13.94
N TYR A 107 -12.55 -34.09 -15.09
CA TYR A 107 -13.50 -35.05 -15.66
C TYR A 107 -12.92 -35.69 -16.92
N PRO A 108 -13.60 -36.74 -17.45
CA PRO A 108 -13.09 -37.38 -18.68
C PRO A 108 -13.21 -36.45 -19.90
N GLY A 109 -12.37 -36.70 -20.90
CA GLY A 109 -12.15 -35.74 -21.96
C GLY A 109 -11.30 -34.61 -21.41
N ASN A 110 -11.48 -33.41 -21.95
CA ASN A 110 -10.75 -32.27 -21.44
C ASN A 110 -11.62 -31.36 -20.57
N ALA A 111 -12.65 -31.95 -19.97
CA ALA A 111 -13.57 -31.21 -19.10
C ALA A 111 -12.99 -31.05 -17.67
N SER A 112 -13.24 -29.89 -17.07
CA SER A 112 -12.94 -29.64 -15.67
C SER A 112 -13.81 -28.50 -15.14
N GLU A 113 -13.83 -28.32 -13.83
CA GLU A 113 -14.50 -27.24 -13.14
C GLU A 113 -13.58 -26.72 -12.04
N SER A 114 -13.42 -25.42 -11.97
CA SER A 114 -12.59 -24.82 -10.96
C SER A 114 -13.45 -24.15 -9.88
N PHE A 115 -12.87 -23.95 -8.70
CA PHE A 115 -13.56 -23.33 -7.57
C PHE A 115 -12.56 -22.58 -6.72
N LEU A 116 -13.06 -21.52 -6.06
CA LEU A 116 -12.29 -20.79 -5.08
C LEU A 116 -13.31 -20.32 -4.02
N HIS A 117 -13.32 -21.00 -2.89
CA HIS A 117 -14.26 -20.76 -1.84
C HIS A 117 -13.53 -20.24 -0.62
N VAL A 118 -14.13 -19.26 0.03
CA VAL A 118 -13.55 -18.60 1.20
C VAL A 118 -14.47 -18.70 2.41
N ALA A 119 -13.90 -19.15 3.53
CA ALA A 119 -14.66 -19.18 4.78
C ALA A 119 -14.09 -18.20 5.78
N PHE A 120 -14.98 -17.50 6.46
CA PHE A 120 -14.60 -16.51 7.45
C PHE A 120 -15.19 -16.99 8.76
N GLN A 121 -14.35 -17.11 9.79
CA GLN A 121 -14.77 -17.72 11.07
C GLN A 121 -15.45 -19.08 10.86
N GLY A 122 -14.94 -19.87 9.90
CA GLY A 122 -15.44 -21.23 9.71
C GLY A 122 -16.75 -21.31 8.95
N LYS A 123 -17.21 -20.18 8.37
CA LYS A 123 -18.37 -20.20 7.52
C LYS A 123 -18.08 -19.75 6.09
N TYR A 124 -18.52 -20.57 5.14
CA TYR A 124 -18.35 -20.25 3.70
C TYR A 124 -19.17 -19.02 3.38
N VAL A 125 -18.53 -17.95 2.95
CA VAL A 125 -19.18 -16.64 2.76
C VAL A 125 -18.93 -16.00 1.38
N VAL A 126 -17.83 -16.38 0.76
CA VAL A 126 -17.34 -15.71 -0.42
C VAL A 126 -16.76 -16.71 -1.42
N ARG A 127 -16.97 -16.45 -2.70
CA ARG A 127 -16.30 -17.21 -3.72
C ARG A 127 -15.85 -16.30 -4.84
N PHE A 128 -14.89 -16.79 -5.62
CA PHE A 128 -14.62 -16.23 -6.92
C PHE A 128 -15.47 -16.97 -7.94
N TRP A 129 -16.14 -16.22 -8.80
CA TRP A 129 -17.03 -16.81 -9.75
C TRP A 129 -17.09 -15.95 -10.99
N GLY A 130 -16.72 -16.55 -12.11
CA GLY A 130 -16.74 -15.84 -13.39
C GLY A 130 -15.57 -14.89 -13.45
N THR A 131 -15.84 -13.59 -13.22
CA THR A 131 -14.79 -12.56 -13.25
C THR A 131 -14.67 -11.70 -11.97
N SER A 132 -15.35 -12.11 -10.89
CA SER A 132 -15.35 -11.30 -9.68
C SER A 132 -15.59 -12.13 -8.42
N TRP A 133 -15.26 -11.51 -7.30
CA TRP A 133 -15.61 -12.02 -6.02
C TRP A 133 -17.09 -11.76 -5.80
N GLN A 134 -17.74 -12.70 -5.13
CA GLN A 134 -19.11 -12.48 -4.73
C GLN A 134 -19.34 -13.16 -3.39
N THR A 135 -20.31 -12.64 -2.64
CA THR A 135 -20.75 -13.33 -1.43
C THR A 135 -21.78 -14.40 -1.84
N VAL A 136 -21.88 -15.47 -1.06
CA VAL A 136 -22.81 -16.55 -1.33
C VAL A 136 -24.05 -16.40 -0.44
N PRO A 137 -25.09 -17.24 -0.65
CA PRO A 137 -26.31 -17.00 0.17
C PRO A 137 -26.10 -17.28 1.67
N GLY A 138 -26.74 -16.47 2.51
CA GLY A 138 -26.56 -16.54 3.97
C GLY A 138 -25.38 -15.72 4.52
N ALA A 139 -24.65 -15.05 3.65
CA ALA A 139 -23.46 -14.28 4.08
C ALA A 139 -23.90 -12.96 4.65
N PRO A 140 -23.14 -12.45 5.62
CA PRO A 140 -23.60 -11.21 6.25
C PRO A 140 -23.32 -10.02 5.33
N SER A 141 -24.12 -8.96 5.49
CA SER A 141 -24.08 -7.81 4.57
C SER A 141 -22.81 -6.99 4.63
N TRP A 142 -22.15 -6.99 5.79
CA TRP A 142 -20.98 -6.12 5.92
C TRP A 142 -19.94 -6.50 4.89
N LEU A 143 -19.94 -7.74 4.45
CA LEU A 143 -18.96 -8.21 3.46
C LEU A 143 -19.08 -7.52 2.09
N ASP A 144 -20.19 -6.81 1.85
CA ASP A 144 -20.35 -6.06 0.62
C ASP A 144 -19.26 -5.03 0.42
N LEU A 145 -18.72 -4.48 1.52
CA LEU A 145 -17.62 -3.49 1.40
C LEU A 145 -16.30 -4.18 0.99
N PRO A 146 -15.82 -5.18 1.76
CA PRO A 146 -14.68 -5.96 1.28
C PRO A 146 -14.81 -6.48 -0.15
N ILE A 147 -15.98 -6.93 -0.56
CA ILE A 147 -16.18 -7.41 -1.95
C ILE A 147 -15.98 -6.29 -2.96
N LYS A 148 -16.57 -5.14 -2.68
CA LYS A 148 -16.39 -3.95 -3.50
C LYS A 148 -14.90 -3.62 -3.63
N VAL A 149 -14.17 -3.73 -2.53
CA VAL A 149 -12.78 -3.39 -2.53
C VAL A 149 -11.92 -4.45 -3.23
N LEU A 150 -12.27 -5.72 -3.04
CA LEU A 150 -11.54 -6.77 -3.74
C LEU A 150 -11.78 -6.70 -5.23
N ASN A 151 -13.01 -6.32 -5.60
CA ASN A 151 -13.42 -6.30 -6.99
C ASN A 151 -12.92 -5.07 -7.70
N ALA A 152 -12.39 -4.11 -6.96
CA ALA A 152 -11.75 -2.94 -7.60
C ALA A 152 -10.37 -3.32 -8.16
N ASP A 153 -9.83 -4.45 -7.71
CA ASP A 153 -8.47 -4.84 -8.08
C ASP A 153 -8.50 -5.68 -9.34
N GLN A 154 -8.43 -5.02 -10.49
CA GLN A 154 -8.51 -5.67 -11.81
C GLN A 154 -7.39 -6.70 -12.01
N GLY A 155 -6.16 -6.35 -11.62
CA GLY A 155 -5.01 -7.22 -11.78
C GLY A 155 -5.20 -8.53 -11.06
N THR A 156 -5.71 -8.50 -9.82
CA THR A 156 -5.97 -9.74 -9.09
C THR A 156 -7.08 -10.53 -9.79
N SER A 157 -8.09 -9.84 -10.31
CA SER A 157 -9.19 -10.55 -10.95
C SER A 157 -8.70 -11.29 -12.21
N ALA A 158 -7.92 -10.64 -13.04
CA ALA A 158 -7.38 -11.29 -14.24
C ALA A 158 -6.49 -12.50 -13.90
N THR A 159 -5.69 -12.38 -12.84
CA THR A 159 -4.76 -13.45 -12.44
C THR A 159 -5.52 -14.67 -11.91
N VAL A 160 -6.54 -14.42 -11.09
CA VAL A 160 -7.34 -15.50 -10.54
C VAL A 160 -8.13 -16.18 -11.67
N GLN A 161 -8.68 -15.40 -12.58
CA GLN A 161 -9.34 -15.97 -13.74
C GLN A 161 -8.38 -16.93 -14.47
N MET A 162 -7.12 -16.52 -14.61
CA MET A 162 -6.13 -17.34 -15.29
C MET A 162 -5.80 -18.57 -14.48
N LEU A 163 -5.66 -18.41 -13.15
CA LEU A 163 -5.30 -19.52 -12.29
C LEU A 163 -6.38 -20.58 -12.32
N LEU A 164 -7.62 -20.14 -12.14
CA LEU A 164 -8.76 -21.03 -12.18
C LEU A 164 -9.04 -21.59 -13.59
N ASN A 165 -9.05 -20.75 -14.62
CA ASN A 165 -9.55 -21.29 -15.89
C ASN A 165 -8.49 -22.10 -16.61
N ASP A 166 -7.23 -21.78 -16.40
CA ASP A 166 -6.15 -22.27 -17.25
C ASP A 166 -5.11 -23.03 -16.46
N THR A 167 -4.49 -22.35 -15.50
CA THR A 167 -3.37 -22.91 -14.77
C THR A 167 -3.75 -24.20 -14.04
N CYS A 168 -4.90 -24.20 -13.38
CA CYS A 168 -5.26 -25.34 -12.52
C CYS A 168 -5.44 -26.62 -13.34
N PRO A 169 -6.32 -26.62 -14.36
CA PRO A 169 -6.52 -27.82 -15.16
C PRO A 169 -5.24 -28.29 -15.86
N LEU A 170 -4.46 -27.34 -16.38
CA LEU A 170 -3.18 -27.67 -16.97
C LEU A 170 -2.25 -28.37 -15.96
N PHE A 171 -2.06 -27.74 -14.81
CA PHE A 171 -1.18 -28.28 -13.77
C PHE A 171 -1.62 -29.68 -13.38
N VAL A 172 -2.90 -29.80 -13.04
CA VAL A 172 -3.47 -31.07 -12.59
C VAL A 172 -3.33 -32.20 -13.60
N ARG A 173 -3.57 -31.92 -14.89
CA ARG A 173 -3.38 -32.93 -15.93
C ARG A 173 -1.96 -33.49 -15.92
N GLY A 174 -1.00 -32.60 -15.74
CA GLY A 174 0.39 -33.00 -15.66
C GLY A 174 0.70 -33.73 -14.37
N LEU A 175 0.10 -33.30 -13.25
CA LEU A 175 0.23 -34.01 -11.98
C LEU A 175 -0.32 -35.43 -12.08
N LEU A 176 -1.44 -35.60 -12.79
CA LEU A 176 -2.05 -36.94 -12.97
C LEU A 176 -1.18 -37.83 -13.82
N GLU A 177 -0.50 -37.23 -14.78
CA GLU A 177 0.40 -38.02 -15.59
C GLU A 177 1.64 -38.37 -14.76
N ALA A 178 2.25 -37.39 -14.08
CA ALA A 178 3.46 -37.65 -13.29
C ALA A 178 3.22 -38.59 -12.08
N GLY A 179 2.10 -38.40 -11.39
CA GLY A 179 1.76 -39.16 -10.20
C GLY A 179 1.03 -40.47 -10.46
N LYS A 180 0.91 -40.85 -11.73
CA LYS A 180 0.10 -42.00 -12.15
C LYS A 180 0.31 -43.29 -11.32
N SER A 181 1.56 -43.68 -11.11
CA SER A 181 1.80 -44.92 -10.39
C SER A 181 1.42 -44.83 -8.92
N ASP A 182 1.62 -43.68 -8.28
CA ASP A 182 1.12 -43.48 -6.91
C ASP A 182 -0.42 -43.41 -6.85
N LEU A 183 -1.04 -42.74 -7.81
CA LEU A 183 -2.50 -42.57 -7.78
C LEU A 183 -3.20 -43.90 -7.95
N GLU A 184 -2.59 -44.80 -8.73
CA GLU A 184 -3.18 -46.10 -9.06
C GLU A 184 -2.65 -47.23 -8.20
N LYS A 185 -1.86 -46.90 -7.20
CA LYS A 185 -1.34 -47.87 -6.23
C LYS A 185 -2.46 -48.67 -5.58
N GLN A 186 -2.18 -49.96 -5.37
CA GLN A 186 -3.07 -50.88 -4.68
C GLN A 186 -2.33 -51.44 -3.46
N GLU A 187 -2.86 -51.20 -2.28
CA GLU A 187 -2.28 -51.75 -1.06
C GLU A 187 -3.33 -52.59 -0.37
N LYS A 188 -2.95 -53.77 0.09
CA LYS A 188 -3.89 -54.73 0.60
C LYS A 188 -4.36 -54.41 2.01
N PRO A 189 -5.67 -54.57 2.27
CA PRO A 189 -6.13 -54.53 3.65
C PRO A 189 -5.68 -55.77 4.42
N VAL A 190 -5.48 -55.59 5.73
CA VAL A 190 -5.24 -56.64 6.68
C VAL A 190 -6.35 -56.44 7.70
N ALA A 191 -7.00 -57.52 8.09
CA ALA A 191 -8.15 -57.46 8.98
C ALA A 191 -7.86 -58.17 10.28
N TRP A 192 -8.51 -57.74 11.36
CA TRP A 192 -8.49 -58.52 12.60
C TRP A 192 -9.74 -58.28 13.42
N LEU A 193 -10.06 -59.22 14.30
CA LEU A 193 -11.31 -59.20 15.04
C LEU A 193 -11.07 -58.94 16.52
N SER A 194 -12.10 -58.39 17.16
CA SER A 194 -12.09 -58.15 18.61
C SER A 194 -13.51 -57.87 19.10
N SER A 195 -13.68 -57.75 20.42
CA SER A 195 -15.02 -57.58 20.99
C SER A 195 -15.05 -56.75 22.28
N VAL A 196 -16.13 -56.01 22.46
CA VAL A 196 -16.41 -55.26 23.70
C VAL A 196 -17.86 -55.47 24.17
N PRO A 197 -18.20 -55.04 25.41
CA PRO A 197 -19.62 -55.09 25.83
C PRO A 197 -20.45 -53.94 25.23
N ARG A 204 -22.94 -58.22 23.89
CA ARG A 204 -21.58 -57.95 23.39
C ARG A 204 -21.54 -57.30 21.98
N GLN A 205 -20.36 -56.82 21.59
CA GLN A 205 -20.18 -56.10 20.32
C GLN A 205 -18.86 -56.47 19.62
N LEU A 206 -18.98 -57.01 18.41
CA LEU A 206 -17.83 -57.48 17.63
C LEU A 206 -17.31 -56.41 16.68
N VAL A 207 -15.99 -56.32 16.58
CA VAL A 207 -15.35 -55.35 15.72
C VAL A 207 -14.48 -56.05 14.70
N CYS A 208 -14.66 -55.67 13.45
CA CYS A 208 -13.78 -56.09 12.41
C CYS A 208 -12.93 -54.89 11.95
N HIS A 209 -11.62 -54.99 12.21
CA HIS A 209 -10.65 -53.96 11.90
C HIS A 209 -10.04 -54.20 10.54
N VAL A 210 -10.08 -53.19 9.69
CA VAL A 210 -9.51 -53.30 8.36
C VAL A 210 -8.54 -52.15 8.17
N SER A 211 -7.28 -52.48 7.90
CA SER A 211 -6.26 -51.45 7.91
C SER A 211 -5.19 -51.68 6.88
N GLY A 212 -4.73 -50.58 6.29
CA GLY A 212 -3.62 -50.60 5.37
C GLY A 212 -4.02 -50.66 3.90
N PHE A 213 -5.32 -50.51 3.61
CA PHE A 213 -5.82 -50.58 2.22
C PHE A 213 -5.74 -49.24 1.46
N TYR A 214 -5.46 -49.35 0.17
CA TYR A 214 -5.54 -48.21 -0.72
C TYR A 214 -5.87 -48.77 -2.09
N PRO A 215 -6.77 -48.12 -2.84
CA PRO A 215 -7.52 -46.89 -2.53
C PRO A 215 -8.70 -47.11 -1.60
N LYS A 216 -9.37 -46.01 -1.27
CA LYS A 216 -10.45 -45.93 -0.28
C LYS A 216 -11.67 -46.85 -0.46
N PRO A 217 -12.21 -47.01 -1.70
CA PRO A 217 -13.41 -47.86 -1.76
C PRO A 217 -13.17 -49.28 -1.19
N VAL A 218 -14.12 -49.75 -0.38
CA VAL A 218 -13.96 -50.99 0.38
C VAL A 218 -15.33 -51.51 0.80
N TRP A 219 -15.41 -52.82 1.00
CA TRP A 219 -16.64 -53.45 1.41
C TRP A 219 -16.38 -54.33 2.63
N VAL A 220 -17.06 -54.03 3.73
CA VAL A 220 -16.86 -54.81 4.94
C VAL A 220 -18.21 -55.20 5.52
N MET A 221 -18.44 -56.50 5.67
CA MET A 221 -19.72 -56.99 6.14
C MET A 221 -19.51 -58.15 7.10
N TRP A 222 -20.31 -58.17 8.17
CA TRP A 222 -20.38 -59.35 9.02
C TRP A 222 -21.33 -60.36 8.37
N MET A 223 -20.95 -61.63 8.44
CA MET A 223 -21.68 -62.73 7.79
C MET A 223 -21.82 -63.89 8.72
N ARG A 224 -23.00 -64.52 8.72
CA ARG A 224 -23.14 -65.89 9.22
C ARG A 224 -23.26 -66.76 7.98
N GLY A 225 -22.16 -67.43 7.63
CA GLY A 225 -22.07 -68.16 6.38
C GLY A 225 -22.20 -67.20 5.21
N ASP A 226 -23.29 -67.34 4.47
CA ASP A 226 -23.56 -66.49 3.30
C ASP A 226 -24.64 -65.43 3.53
N GLN A 227 -25.19 -65.39 4.74
CA GLN A 227 -26.18 -64.37 5.09
C GLN A 227 -25.52 -63.12 5.68
N GLU A 228 -25.61 -62.00 4.96
CA GLU A 228 -25.08 -60.72 5.42
C GLU A 228 -25.83 -60.25 6.67
N GLN A 229 -25.08 -59.81 7.67
CA GLN A 229 -25.66 -59.32 8.90
C GLN A 229 -26.00 -57.84 8.78
N GLN A 230 -27.31 -57.57 8.74
CA GLN A 230 -27.86 -56.23 8.49
C GLN A 230 -27.43 -55.18 9.52
N GLY A 231 -27.14 -55.62 10.76
CA GLY A 231 -26.73 -54.73 11.86
C GLY A 231 -25.32 -54.15 11.78
N THR A 232 -24.52 -54.67 10.85
CA THR A 232 -23.19 -54.15 10.59
C THR A 232 -23.22 -52.62 10.54
N HIS A 233 -22.30 -52.00 11.27
CA HIS A 233 -22.18 -50.55 11.27
C HIS A 233 -20.76 -50.23 10.88
N ARG A 234 -20.62 -49.72 9.66
CA ARG A 234 -19.37 -49.20 9.14
C ARG A 234 -19.07 -47.86 9.82
N GLY A 235 -17.88 -47.76 10.44
CA GLY A 235 -17.40 -46.49 10.99
C GLY A 235 -16.85 -45.57 9.91
N ASP A 236 -16.24 -44.46 10.30
CA ASP A 236 -15.65 -43.56 9.32
C ASP A 236 -14.31 -44.10 8.81
N PHE A 237 -13.92 -43.67 7.61
CA PHE A 237 -12.57 -43.92 7.13
C PHE A 237 -11.58 -43.10 7.94
N LEU A 238 -10.56 -43.76 8.44
CA LEU A 238 -9.58 -43.12 9.28
C LEU A 238 -8.23 -43.27 8.62
N PRO A 239 -7.46 -42.19 8.54
CA PRO A 239 -6.21 -42.31 7.83
C PRO A 239 -5.13 -42.98 8.65
N ASN A 240 -4.32 -43.77 7.99
CA ASN A 240 -3.03 -44.16 8.50
C ASN A 240 -1.98 -43.16 8.07
N ALA A 241 -0.85 -43.11 8.76
CA ALA A 241 0.23 -42.18 8.43
C ALA A 241 1.00 -42.51 7.14
N ASP A 242 0.83 -43.71 6.60
CA ASP A 242 1.52 -44.12 5.36
C ASP A 242 0.60 -43.99 4.14
N GLU A 243 -0.38 -43.10 4.23
CA GLU A 243 -1.34 -42.87 3.15
C GLU A 243 -2.12 -44.13 2.73
N THR A 244 -2.42 -44.96 3.71
CA THR A 244 -3.44 -45.99 3.57
C THR A 244 -4.59 -45.64 4.50
N TRP A 245 -5.61 -46.48 4.48
CA TRP A 245 -6.85 -46.22 5.18
C TRP A 245 -7.15 -47.27 6.25
N TYR A 246 -7.85 -46.83 7.30
CA TYR A 246 -8.33 -47.69 8.33
C TYR A 246 -9.85 -47.57 8.39
N LEU A 247 -10.52 -48.71 8.60
CA LEU A 247 -11.97 -48.74 8.77
C LEU A 247 -12.34 -49.90 9.67
N GLN A 248 -13.29 -49.66 10.59
CA GLN A 248 -13.89 -50.76 11.33
C GLN A 248 -15.41 -50.92 11.12
N ALA A 249 -15.89 -52.16 11.23
CA ALA A 249 -17.32 -52.46 11.16
C ALA A 249 -17.72 -53.24 12.39
N THR A 250 -18.69 -52.70 13.12
CA THR A 250 -19.17 -53.33 14.35
C THR A 250 -20.49 -54.12 14.14
N LEU A 251 -20.68 -55.15 14.96
CA LEU A 251 -21.94 -55.90 14.98
C LEU A 251 -22.37 -56.10 16.42
N ASP A 252 -23.53 -55.55 16.76
CA ASP A 252 -24.05 -55.63 18.12
C ASP A 252 -24.81 -56.94 18.27
N VAL A 253 -24.22 -57.89 18.99
CA VAL A 253 -24.76 -59.26 19.08
C VAL A 253 -25.06 -59.72 20.52
N GLU A 254 -25.91 -60.73 20.65
CA GLU A 254 -26.12 -61.37 21.95
C GLU A 254 -24.96 -62.30 22.28
N ALA A 255 -24.53 -62.28 23.53
CA ALA A 255 -23.45 -63.15 24.02
C ALA A 255 -23.80 -64.63 23.82
N GLY A 256 -22.85 -65.39 23.29
CA GLY A 256 -23.04 -66.81 23.00
C GLY A 256 -23.30 -67.09 21.51
N GLU A 257 -23.62 -66.05 20.76
CA GLU A 257 -23.99 -66.19 19.35
C GLU A 257 -22.89 -65.75 18.38
N GLU A 258 -21.67 -65.66 18.88
CA GLU A 258 -20.51 -65.27 18.09
C GLU A 258 -20.10 -66.36 17.09
N ALA A 259 -20.02 -67.60 17.53
CA ALA A 259 -19.61 -68.72 16.67
C ALA A 259 -20.41 -68.73 15.36
N GLY A 260 -19.72 -68.97 14.25
CA GLY A 260 -20.36 -68.98 12.93
C GLY A 260 -20.33 -67.63 12.23
N LEU A 261 -20.01 -66.58 12.97
CA LEU A 261 -19.88 -65.24 12.38
C LEU A 261 -18.51 -65.02 11.77
N ALA A 262 -18.52 -64.40 10.59
CA ALA A 262 -17.29 -64.03 9.90
C ALA A 262 -17.33 -62.57 9.46
N CYS A 263 -16.16 -61.96 9.36
CA CYS A 263 -16.03 -60.65 8.75
C CYS A 263 -15.46 -60.84 7.37
N ARG A 264 -16.22 -60.43 6.36
CA ARG A 264 -15.75 -60.46 4.99
C ARG A 264 -15.36 -59.07 4.47
N VAL A 265 -14.17 -59.01 3.87
CA VAL A 265 -13.66 -57.78 3.29
C VAL A 265 -13.43 -57.97 1.79
N LYS A 266 -14.01 -57.08 0.99
CA LYS A 266 -13.71 -57.00 -0.43
C LYS A 266 -12.95 -55.71 -0.71
N HIS A 267 -11.84 -55.84 -1.42
CA HIS A 267 -11.06 -54.68 -1.84
C HIS A 267 -10.42 -54.96 -3.18
N SER A 268 -10.20 -53.89 -3.96
CA SER A 268 -9.66 -54.00 -5.32
C SER A 268 -8.28 -54.63 -5.35
N SER A 269 -7.52 -54.47 -4.25
CA SER A 269 -6.15 -54.97 -4.16
C SER A 269 -6.04 -56.50 -4.04
N LEU A 270 -7.16 -57.15 -3.72
CA LEU A 270 -7.18 -58.58 -3.41
C LEU A 270 -7.49 -59.48 -4.61
N GLY A 271 -7.90 -58.87 -5.72
CA GLY A 271 -8.19 -59.63 -6.94
C GLY A 271 -9.21 -60.73 -6.72
N GLY A 272 -10.31 -60.38 -6.06
CA GLY A 272 -11.40 -61.34 -5.84
C GLY A 272 -11.09 -62.44 -4.82
N GLN A 273 -9.97 -62.32 -4.13
CA GLN A 273 -9.64 -63.21 -3.02
C GLN A 273 -10.02 -62.47 -1.73
N ASP A 274 -11.31 -62.42 -1.42
CA ASP A 274 -11.81 -61.70 -0.25
C ASP A 274 -11.16 -62.19 1.04
N ILE A 275 -10.95 -61.29 1.98
CA ILE A 275 -10.58 -61.68 3.32
C ILE A 275 -11.83 -62.15 4.03
N ILE A 276 -11.72 -63.32 4.63
CA ILE A 276 -12.79 -63.92 5.38
C ILE A 276 -12.22 -64.40 6.72
N LEU A 277 -12.56 -63.68 7.78
CA LEU A 277 -12.02 -63.95 9.08
C LEU A 277 -13.14 -64.46 10.00
N TYR A 278 -12.97 -65.67 10.50
CA TYR A 278 -14.00 -66.28 11.36
C TYR A 278 -13.70 -66.00 12.82
N TRP A 279 -14.75 -65.71 13.58
CA TRP A 279 -14.59 -65.51 15.01
C TRP A 279 -14.22 -66.82 15.72
N GLN B 2 -17.82 -22.48 17.79
CA GLN B 2 -16.77 -23.34 18.42
C GLN B 2 -17.16 -24.83 18.41
N LYS B 3 -16.30 -25.66 17.83
CA LYS B 3 -16.57 -27.10 17.64
C LYS B 3 -15.60 -27.98 18.44
N THR B 4 -16.16 -28.97 19.14
CA THR B 4 -15.44 -29.81 20.15
C THR B 4 -14.86 -31.16 19.63
N PRO B 5 -13.52 -31.28 19.62
CA PRO B 5 -12.78 -32.32 18.90
C PRO B 5 -13.19 -33.76 19.14
N GLN B 6 -13.38 -34.50 18.05
CA GLN B 6 -13.52 -35.95 18.07
C GLN B 6 -12.10 -36.54 18.07
N ILE B 7 -11.87 -37.49 18.96
CA ILE B 7 -10.57 -38.14 19.10
C ILE B 7 -10.73 -39.63 18.90
N GLN B 8 -9.95 -40.20 17.98
CA GLN B 8 -10.04 -41.61 17.66
C GLN B 8 -8.65 -42.23 17.70
N VAL B 9 -8.49 -43.27 18.50
CA VAL B 9 -7.20 -43.89 18.71
C VAL B 9 -7.26 -45.32 18.21
N TYR B 10 -6.26 -45.69 17.42
CA TYR B 10 -6.25 -46.97 16.74
C TYR B 10 -4.84 -47.33 16.27
N SER B 11 -4.60 -48.63 16.16
CA SER B 11 -3.30 -49.12 15.73
C SER B 11 -3.26 -49.31 14.23
N ARG B 12 -2.06 -49.18 13.67
CA ARG B 12 -1.87 -49.35 12.22
C ARG B 12 -1.96 -50.81 11.81
N HIS B 13 -1.40 -51.69 12.63
CA HIS B 13 -1.39 -53.14 12.36
C HIS B 13 -2.10 -53.86 13.51
N PRO B 14 -2.50 -55.13 13.29
CA PRO B 14 -3.09 -55.90 14.38
C PRO B 14 -2.19 -55.86 15.61
N PRO B 15 -2.75 -55.45 16.78
CA PRO B 15 -1.96 -55.40 18.01
C PRO B 15 -1.59 -56.77 18.51
N GLU B 16 -0.32 -56.93 18.82
CA GLU B 16 0.20 -58.17 19.35
C GLU B 16 1.20 -57.79 20.45
N ASN B 17 1.05 -58.37 21.64
CA ASN B 17 1.89 -58.02 22.76
C ASN B 17 3.38 -58.29 22.51
N GLY B 18 4.20 -57.25 22.74
CA GLY B 18 5.65 -57.35 22.53
C GLY B 18 6.12 -57.04 21.11
N LYS B 19 5.19 -56.78 20.19
CA LYS B 19 5.52 -56.49 18.78
C LYS B 19 5.36 -55.00 18.42
N PRO B 20 6.45 -54.37 17.90
CA PRO B 20 6.37 -52.94 17.54
C PRO B 20 5.29 -52.65 16.48
N ASN B 21 4.58 -51.55 16.68
CA ASN B 21 3.39 -51.21 15.93
C ASN B 21 3.38 -49.67 15.81
N ILE B 22 2.37 -49.11 15.18
CA ILE B 22 2.24 -47.65 15.15
C ILE B 22 0.87 -47.33 15.75
N LEU B 23 0.82 -46.39 16.66
CA LEU B 23 -0.43 -45.94 17.24
C LEU B 23 -0.80 -44.59 16.61
N ASN B 24 -2.05 -44.48 16.17
CA ASN B 24 -2.59 -43.31 15.56
C ASN B 24 -3.57 -42.62 16.49
N CYS B 25 -3.54 -41.29 16.48
CA CYS B 25 -4.55 -40.49 17.14
C CYS B 25 -5.12 -39.48 16.15
N TYR B 26 -6.37 -39.69 15.76
CA TYR B 26 -7.00 -38.88 14.72
C TYR B 26 -8.00 -37.95 15.39
N VAL B 27 -7.71 -36.66 15.29
CA VAL B 27 -8.47 -35.61 15.92
C VAL B 27 -9.17 -34.79 14.83
N THR B 28 -10.49 -34.64 14.93
CA THR B 28 -11.28 -34.07 13.87
C THR B 28 -12.35 -33.18 14.45
N GLN B 29 -13.02 -32.49 13.56
CA GLN B 29 -14.17 -31.70 13.85
C GLN B 29 -13.96 -30.52 14.75
N PHE B 30 -12.78 -29.98 14.84
CA PHE B 30 -12.55 -28.85 15.75
C PHE B 30 -12.37 -27.52 15.04
N HIS B 31 -12.61 -26.44 15.76
CA HIS B 31 -12.28 -25.09 15.32
C HIS B 31 -12.44 -24.16 16.50
N PRO B 32 -11.57 -23.14 16.61
CA PRO B 32 -10.50 -22.75 15.68
C PRO B 32 -9.40 -23.80 15.61
N PRO B 33 -8.47 -23.67 14.64
CA PRO B 33 -7.44 -24.68 14.43
C PRO B 33 -6.39 -24.81 15.53
N HIS B 34 -6.27 -23.83 16.43
CA HIS B 34 -5.30 -23.99 17.51
C HIS B 34 -5.65 -25.14 18.47
N ILE B 35 -4.72 -26.06 18.61
CA ILE B 35 -4.93 -27.27 19.39
C ILE B 35 -3.61 -27.85 19.90
N GLU B 36 -3.69 -28.58 21.01
CA GLU B 36 -2.57 -29.30 21.55
C GLU B 36 -2.91 -30.78 21.69
N ILE B 37 -2.02 -31.62 21.17
CA ILE B 37 -2.24 -33.07 21.09
C ILE B 37 -1.03 -33.75 21.65
N GLN B 38 -1.25 -34.59 22.66
CA GLN B 38 -0.22 -35.40 23.27
C GLN B 38 -0.61 -36.87 23.16
N MET B 39 0.36 -37.73 22.87
CA MET B 39 0.12 -39.16 23.01
C MET B 39 0.86 -39.63 24.25
N LEU B 40 0.17 -40.38 25.09
CA LEU B 40 0.71 -40.72 26.39
C LEU B 40 0.89 -42.22 26.55
N LYS B 41 1.99 -42.56 27.22
CA LYS B 41 2.25 -43.92 27.66
C LYS B 41 2.25 -43.91 29.20
N ASN B 42 1.32 -44.66 29.79
CA ASN B 42 1.10 -44.66 31.23
C ASN B 42 1.03 -43.24 31.77
N GLY B 43 0.33 -42.37 31.06
CA GLY B 43 0.14 -41.00 31.50
C GLY B 43 1.35 -40.11 31.31
N LYS B 44 2.42 -40.66 30.74
CA LYS B 44 3.59 -39.87 30.41
C LYS B 44 3.70 -39.62 28.91
N LYS B 45 4.05 -38.38 28.59
CA LYS B 45 4.21 -37.89 27.23
C LYS B 45 5.22 -38.73 26.46
N ILE B 46 4.80 -39.25 25.31
CA ILE B 46 5.69 -39.98 24.43
C ILE B 46 6.45 -38.90 23.69
N PRO B 47 7.80 -39.02 23.61
CA PRO B 47 8.59 -37.88 23.10
C PRO B 47 8.69 -37.79 21.57
N LYS B 48 8.69 -38.93 20.87
CA LYS B 48 8.78 -38.91 19.41
C LYS B 48 7.38 -39.03 18.77
N VAL B 49 6.63 -37.93 18.76
CA VAL B 49 5.29 -37.97 18.17
C VAL B 49 5.29 -37.15 16.90
N GLU B 50 4.93 -37.82 15.81
CA GLU B 50 4.82 -37.14 14.53
C GLU B 50 3.41 -36.66 14.27
N MET B 51 3.33 -35.45 13.70
CA MET B 51 2.08 -34.83 13.30
C MET B 51 2.02 -34.75 11.79
N SER B 52 0.85 -35.05 11.22
CA SER B 52 0.60 -34.76 9.83
C SER B 52 0.40 -33.25 9.78
N ASP B 53 0.44 -32.66 8.59
CA ASP B 53 0.07 -31.26 8.49
C ASP B 53 -1.40 -31.14 8.80
N MET B 54 -1.77 -30.07 9.48
CA MET B 54 -3.17 -29.83 9.69
C MET B 54 -3.87 -29.52 8.36
N SER B 55 -5.09 -30.00 8.23
CA SER B 55 -5.89 -29.83 7.03
C SER B 55 -7.33 -29.55 7.47
N PHE B 56 -8.24 -29.45 6.51
CA PHE B 56 -9.64 -29.34 6.86
C PHE B 56 -10.54 -29.98 5.82
N SER B 57 -11.77 -30.27 6.23
CA SER B 57 -12.71 -31.05 5.41
C SER B 57 -13.60 -30.10 4.62
N LYS B 58 -14.42 -30.69 3.76
CA LYS B 58 -15.40 -29.94 2.98
C LYS B 58 -16.27 -29.07 3.86
N ASP B 59 -16.52 -29.51 5.09
CA ASP B 59 -17.31 -28.73 6.05
C ASP B 59 -16.50 -27.66 6.80
N TRP B 60 -15.24 -27.49 6.44
CA TRP B 60 -14.38 -26.43 7.00
C TRP B 60 -13.83 -26.75 8.40
N SER B 61 -14.20 -27.90 8.97
CA SER B 61 -13.61 -28.29 10.25
C SER B 61 -12.23 -28.87 10.02
N PHE B 62 -11.37 -28.66 11.00
CA PHE B 62 -9.99 -29.07 10.94
C PHE B 62 -9.81 -30.51 11.43
N TYR B 63 -8.73 -31.13 10.95
CA TYR B 63 -8.35 -32.44 11.41
C TYR B 63 -6.86 -32.55 11.34
N ILE B 64 -6.31 -33.49 12.09
CA ILE B 64 -4.89 -33.73 12.08
C ILE B 64 -4.65 -35.14 12.63
N LEU B 65 -3.61 -35.77 12.12
CA LEU B 65 -3.24 -37.11 12.52
C LEU B 65 -1.89 -37.08 13.27
N ALA B 66 -1.91 -37.55 14.51
CA ALA B 66 -0.69 -37.75 15.26
C ALA B 66 -0.44 -39.25 15.21
N HIS B 67 0.82 -39.64 15.18
CA HIS B 67 1.15 -41.05 15.31
C HIS B 67 2.53 -41.18 15.94
N THR B 68 2.79 -42.36 16.50
CA THR B 68 4.04 -42.70 17.14
C THR B 68 4.22 -44.22 17.14
N GLU B 69 5.48 -44.65 17.23
CA GLU B 69 5.81 -46.06 17.38
C GLU B 69 5.46 -46.47 18.80
N PHE B 70 4.90 -47.66 18.95
CA PHE B 70 4.61 -48.21 20.27
C PHE B 70 4.67 -49.71 20.23
N THR B 71 5.01 -50.31 21.38
CA THR B 71 4.94 -51.74 21.57
C THR B 71 3.91 -52.04 22.65
N PRO B 72 2.73 -52.54 22.24
CA PRO B 72 1.70 -52.92 23.21
C PRO B 72 2.13 -54.12 24.10
N THR B 73 1.79 -54.02 25.38
CA THR B 73 2.02 -55.07 26.35
C THR B 73 0.72 -55.25 27.10
N GLU B 74 0.68 -56.24 27.99
CA GLU B 74 -0.47 -56.45 28.84
C GLU B 74 -0.74 -55.28 29.81
N THR B 75 0.33 -54.61 30.25
CA THR B 75 0.19 -53.65 31.36
C THR B 75 0.18 -52.16 30.97
N ASP B 76 0.86 -51.80 29.87
CA ASP B 76 1.06 -50.40 29.51
C ASP B 76 -0.22 -49.80 28.95
N THR B 77 -0.51 -48.56 29.33
CA THR B 77 -1.65 -47.87 28.74
C THR B 77 -1.19 -46.76 27.79
N TYR B 78 -1.96 -46.61 26.72
CA TYR B 78 -1.71 -45.60 25.72
C TYR B 78 -2.95 -44.74 25.60
N ALA B 79 -2.72 -43.46 25.36
CA ALA B 79 -3.79 -42.49 25.34
C ALA B 79 -3.41 -41.31 24.50
N CYS B 80 -4.42 -40.54 24.13
CA CYS B 80 -4.21 -39.34 23.36
C CYS B 80 -4.94 -38.25 24.11
N ARG B 81 -4.21 -37.19 24.45
CA ARG B 81 -4.73 -36.09 25.26
C ARG B 81 -4.83 -34.82 24.41
N VAL B 82 -5.97 -34.15 24.51
CA VAL B 82 -6.25 -32.99 23.67
C VAL B 82 -6.72 -31.78 24.46
N LYS B 83 -5.96 -30.69 24.36
CA LYS B 83 -6.39 -29.40 24.90
C LYS B 83 -6.86 -28.53 23.74
N HIS B 84 -8.06 -27.97 23.89
CA HIS B 84 -8.67 -27.13 22.88
C HIS B 84 -9.60 -26.14 23.58
N ALA B 85 -9.73 -24.93 23.02
CA ALA B 85 -10.47 -23.86 23.69
C ALA B 85 -11.95 -24.16 23.84
N SER B 86 -12.47 -25.06 22.99
CA SER B 86 -13.88 -25.49 23.05
C SER B 86 -14.18 -26.34 24.28
N MET B 87 -13.14 -26.82 24.94
CA MET B 87 -13.28 -27.67 26.11
C MET B 87 -12.70 -26.99 27.34
N ALA B 88 -13.45 -27.05 28.43
CA ALA B 88 -12.98 -26.52 29.71
C ALA B 88 -11.73 -27.29 30.15
N GLU B 89 -11.74 -28.60 29.91
CA GLU B 89 -10.69 -29.48 30.40
C GLU B 89 -10.13 -30.30 29.25
N PRO B 90 -8.85 -30.70 29.33
CA PRO B 90 -8.29 -31.62 28.34
C PRO B 90 -9.09 -32.92 28.28
N LYS B 91 -9.27 -33.42 27.07
CA LYS B 91 -9.96 -34.68 26.84
C LYS B 91 -8.91 -35.74 26.57
N THR B 92 -9.04 -36.84 27.28
CA THR B 92 -8.16 -37.98 27.12
C THR B 92 -8.96 -39.16 26.61
N VAL B 93 -8.51 -39.73 25.51
CA VAL B 93 -9.10 -40.95 24.97
C VAL B 93 -8.02 -42.01 25.03
N TYR B 94 -8.32 -43.12 25.71
CA TYR B 94 -7.41 -44.24 25.85
C TYR B 94 -7.52 -45.21 24.68
N TRP B 95 -6.38 -45.73 24.25
CA TRP B 95 -6.34 -46.83 23.33
C TRP B 95 -6.94 -48.03 24.00
N ASP B 96 -7.91 -48.62 23.31
CA ASP B 96 -8.49 -49.87 23.71
C ASP B 96 -8.46 -50.79 22.48
N ARG B 97 -7.62 -51.82 22.56
CA ARG B 97 -7.38 -52.73 21.43
C ARG B 97 -8.64 -53.48 20.97
N ASP B 98 -9.44 -53.90 21.96
CA ASP B 98 -10.72 -54.57 21.70
C ASP B 98 -11.70 -53.69 20.92
N MET B 99 -11.57 -52.36 21.10
CA MET B 99 -12.43 -51.39 20.44
C MET B 99 -11.98 -51.17 19.00
N THR C 3 13.96 2.60 1.53
CA THR C 3 13.66 3.47 0.34
C THR C 3 13.59 2.65 -0.95
N GLN C 4 12.35 2.36 -1.32
CA GLN C 4 12.11 1.39 -2.32
C GLN C 4 11.91 2.02 -3.68
N VAL C 5 11.95 3.35 -3.73
CA VAL C 5 11.76 4.09 -4.97
C VAL C 5 12.86 5.12 -5.16
N GLU C 6 13.64 4.97 -6.23
CA GLU C 6 14.80 5.81 -6.48
C GLU C 6 14.71 6.51 -7.83
N GLN C 7 15.02 7.79 -7.86
CA GLN C 7 14.92 8.59 -9.07
C GLN C 7 16.28 9.11 -9.40
N SER C 8 16.53 9.27 -10.69
CA SER C 8 17.76 9.75 -11.22
C SER C 8 17.40 10.47 -12.50
N PRO C 9 18.08 11.57 -12.81
CA PRO C 9 19.08 12.23 -11.94
C PRO C 9 18.39 12.85 -10.73
N GLN C 10 19.15 13.23 -9.72
CA GLN C 10 18.60 14.00 -8.60
C GLN C 10 18.12 15.37 -9.11
N SER C 11 18.92 15.99 -9.96
CA SER C 11 18.55 17.24 -10.58
C SER C 11 19.26 17.41 -11.91
N LEU C 12 18.68 18.18 -12.81
CA LEU C 12 19.31 18.48 -14.08
C LEU C 12 18.88 19.85 -14.59
N VAL C 13 19.74 20.46 -15.39
CA VAL C 13 19.47 21.74 -15.98
C VAL C 13 19.48 21.51 -17.50
N VAL C 14 18.42 21.94 -18.18
CA VAL C 14 18.37 21.86 -19.63
C VAL C 14 17.96 23.21 -20.24
N ARG C 15 18.26 23.37 -21.52
CA ARG C 15 17.86 24.54 -22.26
C ARG C 15 16.55 24.26 -22.97
N GLN C 16 15.64 25.25 -22.95
CA GLN C 16 14.37 25.18 -23.69
C GLN C 16 14.51 24.55 -25.09
N GLY C 17 13.62 23.61 -25.39
CA GLY C 17 13.62 22.96 -26.68
C GLY C 17 14.36 21.63 -26.64
N GLU C 18 15.15 21.41 -25.60
CA GLU C 18 15.83 20.11 -25.48
C GLU C 18 14.87 19.09 -24.87
N ASN C 19 15.05 17.83 -25.23
CA ASN C 19 14.34 16.71 -24.60
C ASN C 19 15.10 16.28 -23.38
N CYS C 20 14.43 15.67 -22.43
CA CYS C 20 15.13 15.01 -21.36
C CYS C 20 14.40 13.73 -20.94
N VAL C 21 15.11 12.90 -20.19
CA VAL C 21 14.63 11.60 -19.76
C VAL C 21 14.87 11.52 -18.27
N LEU C 22 13.83 11.17 -17.53
CA LEU C 22 13.94 11.00 -16.10
C LEU C 22 13.69 9.52 -15.80
N GLN C 23 14.31 9.00 -14.76
N GLN C 23 14.39 8.97 -14.82
CA GLN C 23 14.33 7.57 -14.53
CA GLN C 23 14.32 7.54 -14.54
C GLN C 23 13.82 7.26 -13.13
C GLN C 23 13.74 7.30 -13.16
N CYS C 24 13.09 6.16 -13.00
CA CYS C 24 12.58 5.69 -11.73
C CYS C 24 12.83 4.21 -11.62
N ASN C 25 13.46 3.82 -10.52
CA ASN C 25 13.76 2.44 -10.28
C ASN C 25 13.25 2.13 -8.92
N TYR C 26 12.65 0.96 -8.75
CA TYR C 26 12.00 0.61 -7.52
C TYR C 26 12.20 -0.86 -7.15
N SER C 27 12.06 -1.14 -5.85
CA SER C 27 12.03 -2.49 -5.35
C SER C 27 10.66 -2.85 -4.78
N VAL C 28 9.70 -1.93 -4.78
CA VAL C 28 8.32 -2.17 -4.29
C VAL C 28 7.70 -3.47 -4.81
N THR C 29 7.14 -4.27 -3.90
CA THR C 29 6.49 -5.54 -4.24
C THR C 29 5.16 -5.70 -3.46
N PRO C 30 4.04 -5.97 -4.15
CA PRO C 30 3.91 -5.99 -5.61
C PRO C 30 3.88 -4.58 -6.21
N ASP C 31 3.92 -4.50 -7.54
CA ASP C 31 3.92 -3.19 -8.21
C ASP C 31 2.72 -3.12 -9.14
N ASN C 32 1.59 -2.72 -8.57
CA ASN C 32 0.38 -2.64 -9.35
C ASN C 32 0.49 -1.57 -10.44
N HIS C 33 0.95 -0.39 -10.06
CA HIS C 33 1.01 0.71 -11.01
C HIS C 33 2.05 1.73 -10.59
N LEU C 34 2.45 2.56 -11.53
CA LEU C 34 3.48 3.56 -11.31
C LEU C 34 2.94 4.86 -11.85
N ARG C 35 2.96 5.90 -11.02
CA ARG C 35 2.42 7.18 -11.44
C ARG C 35 3.52 8.22 -11.44
N TRP C 36 3.48 9.14 -12.41
CA TRP C 36 4.40 10.29 -12.39
C TRP C 36 3.64 11.55 -12.04
N PHE C 37 4.12 12.27 -11.03
CA PHE C 37 3.57 13.57 -10.66
C PHE C 37 4.49 14.69 -11.10
N LYS C 38 3.90 15.83 -11.41
CA LYS C 38 4.63 17.08 -11.58
C LYS C 38 4.27 17.97 -10.39
N GLN C 39 5.30 18.54 -9.75
CA GLN C 39 5.08 19.49 -8.68
C GLN C 39 5.90 20.75 -8.89
N ASP C 40 5.21 21.82 -9.29
CA ASP C 40 5.80 23.16 -9.31
C ASP C 40 6.12 23.58 -7.90
N THR C 41 7.14 24.43 -7.81
CA THR C 41 7.67 24.93 -6.56
C THR C 41 6.56 25.64 -5.80
N GLY C 42 6.35 25.23 -4.55
CA GLY C 42 5.30 25.77 -3.72
C GLY C 42 3.91 25.23 -4.02
N LYS C 43 3.80 24.21 -4.87
CA LYS C 43 2.48 23.79 -5.30
C LYS C 43 2.18 22.32 -4.98
N GLY C 44 1.08 21.81 -5.54
CA GLY C 44 0.65 20.47 -5.29
C GLY C 44 1.04 19.53 -6.41
N LEU C 45 0.47 18.33 -6.34
CA LEU C 45 0.87 17.22 -7.17
C LEU C 45 -0.08 17.17 -8.35
N VAL C 46 0.49 17.17 -9.55
CA VAL C 46 -0.30 17.05 -10.77
C VAL C 46 0.08 15.73 -11.43
N SER C 47 -0.91 14.86 -11.60
CA SER C 47 -0.67 13.56 -12.22
C SER C 47 -0.43 13.72 -13.72
N LEU C 48 0.71 13.24 -14.23
CA LEU C 48 1.04 13.28 -15.66
C LEU C 48 0.61 12.00 -16.35
N THR C 49 0.80 10.87 -15.66
CA THR C 49 0.48 9.59 -16.27
C THR C 49 0.51 8.49 -15.23
N VAL C 50 -0.20 7.41 -15.53
CA VAL C 50 -0.12 6.22 -14.74
C VAL C 50 0.10 5.00 -15.66
N LEU C 51 1.05 4.15 -15.28
CA LEU C 51 1.40 2.98 -16.09
C LEU C 51 0.99 1.79 -15.25
N VAL C 52 0.37 0.81 -15.90
CA VAL C 52 -0.25 -0.29 -15.16
C VAL C 52 0.15 -1.68 -15.64
N ASP C 53 0.61 -1.77 -16.88
CA ASP C 53 0.92 -3.06 -17.48
C ASP C 53 2.37 -3.47 -17.31
N GLN C 54 2.59 -4.76 -17.48
CA GLN C 54 3.89 -5.40 -17.33
C GLN C 54 4.96 -4.66 -18.15
N LYS C 55 4.64 -4.43 -19.41
CA LYS C 55 5.43 -3.59 -20.30
C LYS C 55 4.43 -2.58 -20.79
N ASP C 56 4.64 -1.32 -20.44
CA ASP C 56 3.67 -0.28 -20.72
C ASP C 56 4.32 0.98 -21.26
N LYS C 57 3.53 1.69 -22.06
CA LYS C 57 3.88 2.97 -22.67
C LYS C 57 2.66 3.86 -22.58
N THR C 58 2.87 5.11 -22.19
CA THR C 58 1.77 6.09 -22.20
C THR C 58 2.32 7.37 -22.79
N SER C 59 1.42 8.27 -23.15
CA SER C 59 1.83 9.63 -23.55
C SER C 59 0.76 10.63 -23.19
N ASN C 60 1.17 11.87 -23.01
CA ASN C 60 0.27 12.94 -22.58
C ASN C 60 0.96 14.19 -23.07
N GLY C 61 0.56 14.63 -24.26
CA GLY C 61 1.19 15.76 -24.92
C GLY C 61 2.70 15.54 -25.06
N ARG C 62 3.48 16.46 -24.50
CA ARG C 62 4.95 16.37 -24.60
C ARG C 62 5.56 15.33 -23.63
N TYR C 63 4.74 14.73 -22.77
CA TYR C 63 5.21 13.66 -21.90
C TYR C 63 4.89 12.30 -22.49
N SER C 64 5.87 11.39 -22.44
CA SER C 64 5.64 9.98 -22.66
C SER C 64 6.40 9.23 -21.57
N ALA C 65 5.98 8.00 -21.28
CA ALA C 65 6.59 7.23 -20.22
C ALA C 65 6.57 5.77 -20.60
N THR C 66 7.50 5.02 -20.01
CA THR C 66 7.55 3.59 -20.25
C THR C 66 7.55 2.96 -18.87
N LEU C 67 7.06 1.72 -18.78
CA LEU C 67 7.18 0.93 -17.56
C LEU C 67 7.56 -0.47 -17.97
N ASP C 68 8.60 -1.00 -17.32
CA ASP C 68 8.96 -2.38 -17.50
C ASP C 68 8.97 -2.98 -16.10
N LYS C 69 7.94 -3.76 -15.79
CA LYS C 69 7.76 -4.37 -14.48
C LYS C 69 8.77 -5.49 -14.19
N ASP C 70 9.30 -6.13 -15.22
CA ASP C 70 10.35 -7.13 -15.02
C ASP C 70 11.62 -6.46 -14.49
N ALA C 71 11.99 -5.32 -15.07
CA ALA C 71 13.18 -4.58 -14.66
C ALA C 71 12.91 -3.61 -13.50
N LYS C 72 11.65 -3.36 -13.20
CA LYS C 72 11.25 -2.43 -12.14
C LYS C 72 11.83 -1.06 -12.42
N HIS C 73 11.51 -0.58 -13.61
CA HIS C 73 12.14 0.56 -14.18
C HIS C 73 11.13 1.31 -15.02
N SER C 74 11.04 2.61 -14.79
CA SER C 74 10.23 3.46 -15.61
C SER C 74 11.04 4.68 -16.02
N THR C 75 10.79 5.19 -17.22
CA THR C 75 11.32 6.49 -17.62
C THR C 75 10.18 7.45 -17.95
N LEU C 76 10.39 8.73 -17.69
CA LEU C 76 9.49 9.78 -18.16
C LEU C 76 10.29 10.64 -19.12
N HIS C 77 9.79 10.76 -20.36
N HIS C 77 9.77 10.82 -20.34
CA HIS C 77 10.45 11.60 -21.35
CA HIS C 77 10.44 11.60 -21.38
C HIS C 77 9.64 12.89 -21.48
C HIS C 77 9.67 12.88 -21.72
N ILE C 78 10.35 14.02 -21.56
CA ILE C 78 9.75 15.32 -21.89
C ILE C 78 10.36 15.74 -23.21
N THR C 79 9.53 15.90 -24.23
CA THR C 79 10.00 16.36 -25.52
C THR C 79 9.91 17.90 -25.54
N ALA C 80 10.90 18.53 -26.17
CA ALA C 80 10.89 19.98 -26.41
C ALA C 80 10.51 20.75 -25.14
N THR C 81 11.40 20.75 -24.15
CA THR C 81 11.10 21.37 -22.87
C THR C 81 10.78 22.86 -22.98
N LEU C 82 9.88 23.30 -22.12
CA LEU C 82 9.51 24.70 -22.01
C LEU C 82 9.81 25.12 -20.58
N LEU C 83 9.94 26.43 -20.39
CA LEU C 83 10.17 27.00 -19.07
C LEU C 83 9.25 26.44 -17.97
N ASP C 84 7.95 26.31 -18.28
CA ASP C 84 6.97 25.81 -17.30
C ASP C 84 7.18 24.32 -16.91
N ASP C 85 8.11 23.61 -17.57
CA ASP C 85 8.50 22.25 -17.13
C ASP C 85 9.44 22.30 -15.92
N THR C 86 9.87 23.50 -15.55
CA THR C 86 10.70 23.65 -14.36
C THR C 86 9.88 23.26 -13.12
N ALA C 87 10.30 22.19 -12.46
CA ALA C 87 9.45 21.55 -11.46
C ALA C 87 10.17 20.33 -10.89
N THR C 88 9.55 19.71 -9.91
CA THR C 88 10.03 18.45 -9.43
C THR C 88 9.12 17.38 -9.96
N TYR C 89 9.72 16.30 -10.45
CA TYR C 89 9.00 15.17 -11.02
C TYR C 89 9.14 13.99 -10.08
N ILE C 90 8.00 13.43 -9.67
CA ILE C 90 7.97 12.45 -8.61
C ILE C 90 7.36 11.15 -9.09
N CYS C 91 8.10 10.10 -8.86
CA CYS C 91 7.69 8.73 -9.23
C CYS C 91 7.03 8.14 -7.99
N VAL C 92 5.85 7.53 -8.18
CA VAL C 92 5.11 6.88 -7.09
C VAL C 92 4.65 5.48 -7.52
N VAL C 93 4.92 4.48 -6.69
CA VAL C 93 4.47 3.09 -7.04
C VAL C 93 3.41 2.66 -6.06
N GLY C 94 2.25 2.26 -6.57
CA GLY C 94 1.18 1.73 -5.72
C GLY C 94 1.29 0.22 -5.68
N ASP C 95 1.25 -0.34 -4.48
CA ASP C 95 1.46 -1.76 -4.29
C ASP C 95 0.17 -2.60 -4.34
N ARG C 96 -0.98 -1.98 -4.60
CA ARG C 96 -2.24 -2.72 -4.82
C ARG C 96 -3.08 -2.09 -5.91
N GLY C 97 -3.98 -2.85 -6.52
CA GLY C 97 -4.94 -2.25 -7.45
C GLY C 97 -6.26 -1.78 -6.81
N SER C 98 -6.20 -1.38 -5.53
CA SER C 98 -7.34 -0.89 -4.79
C SER C 98 -6.88 -0.05 -3.59
N ALA C 99 -7.83 0.49 -2.84
CA ALA C 99 -7.59 1.29 -1.64
C ALA C 99 -6.79 0.57 -0.53
N LEU C 100 -6.67 -0.76 -0.61
CA LEU C 100 -5.81 -1.52 0.31
C LEU C 100 -4.31 -1.22 0.11
N GLY C 101 -4.01 -0.60 -1.02
CA GLY C 101 -2.62 -0.28 -1.41
C GLY C 101 -2.03 0.85 -0.60
N ARG C 102 -0.71 0.79 -0.49
CA ARG C 102 0.09 1.90 -0.02
C ARG C 102 0.84 2.46 -1.22
N LEU C 103 1.00 3.78 -1.21
CA LEU C 103 1.78 4.49 -2.22
C LEU C 103 3.21 4.71 -1.70
N HIS C 104 4.17 4.48 -2.58
CA HIS C 104 5.60 4.59 -2.25
C HIS C 104 6.19 5.66 -3.15
N PHE C 105 6.60 6.75 -2.52
CA PHE C 105 6.99 7.96 -3.23
C PHE C 105 8.48 7.99 -3.39
N GLY C 106 8.93 8.29 -4.60
CA GLY C 106 10.31 8.70 -4.78
C GLY C 106 10.47 10.11 -4.28
N ALA C 107 11.72 10.49 -4.03
CA ALA C 107 12.03 11.82 -3.54
C ALA C 107 12.10 12.89 -4.64
N GLY C 108 11.91 12.50 -5.90
CA GLY C 108 11.80 13.48 -6.97
C GLY C 108 13.08 13.83 -7.71
N THR C 109 12.91 14.30 -8.94
CA THR C 109 13.99 14.85 -9.72
C THR C 109 13.61 16.29 -9.99
N GLN C 110 14.50 17.22 -9.67
CA GLN C 110 14.32 18.64 -9.98
C GLN C 110 14.76 18.95 -11.40
N LEU C 111 13.83 19.39 -12.24
CA LEU C 111 14.19 19.90 -13.55
C LEU C 111 14.23 21.45 -13.58
N ILE C 112 15.30 22.02 -14.11
CA ILE C 112 15.31 23.43 -14.46
C ILE C 112 15.49 23.57 -15.97
N VAL C 113 14.60 24.34 -16.60
CA VAL C 113 14.66 24.59 -18.02
C VAL C 113 15.07 26.05 -18.23
N ILE C 114 16.21 26.29 -18.87
CA ILE C 114 16.63 27.68 -19.14
C ILE C 114 15.89 28.21 -20.36
N PRO C 115 15.18 29.34 -20.19
CA PRO C 115 14.38 29.94 -21.26
C PRO C 115 15.25 30.59 -22.34
N ASP C 116 14.81 30.48 -23.58
CA ASP C 116 15.45 31.10 -24.75
C ASP C 116 15.10 32.58 -24.79
N ILE C 117 16.09 33.45 -24.65
CA ILE C 117 15.85 34.90 -24.82
C ILE C 117 16.35 35.29 -26.21
N GLN C 118 15.43 35.50 -27.15
CA GLN C 118 15.86 35.67 -28.54
C GLN C 118 16.22 37.13 -28.90
N ASN C 119 15.67 38.09 -28.17
CA ASN C 119 16.00 39.50 -28.43
C ASN C 119 16.39 40.30 -27.18
N PRO C 120 17.58 40.00 -26.61
CA PRO C 120 18.03 40.68 -25.40
C PRO C 120 18.34 42.17 -25.62
N ASP C 121 17.88 42.99 -24.68
CA ASP C 121 18.05 44.43 -24.71
C ASP C 121 18.44 44.90 -23.29
N PRO C 122 19.61 44.44 -22.80
CA PRO C 122 20.00 44.62 -21.39
C PRO C 122 20.03 46.07 -20.93
N ALA C 123 19.29 46.37 -19.87
CA ALA C 123 19.21 47.74 -19.36
C ALA C 123 19.11 47.79 -17.83
N VAL C 124 19.50 48.93 -17.27
CA VAL C 124 19.28 49.16 -15.86
C VAL C 124 18.42 50.42 -15.68
N TYR C 125 17.17 50.21 -15.27
CA TYR C 125 16.22 51.31 -15.08
C TYR C 125 16.05 51.69 -13.60
N GLN C 126 15.74 52.95 -13.35
CA GLN C 126 15.35 53.39 -12.02
C GLN C 126 13.83 53.56 -11.92
N LEU C 127 13.24 52.94 -10.90
CA LEU C 127 11.80 53.00 -10.65
C LEU C 127 11.56 53.72 -9.33
N ARG C 128 10.58 54.61 -9.28
CA ARG C 128 10.31 55.30 -8.03
C ARG C 128 9.03 54.82 -7.30
N ASP C 129 9.08 54.89 -5.97
CA ASP C 129 8.00 54.53 -5.05
C ASP C 129 6.73 55.33 -5.32
N SER C 130 5.60 54.60 -5.36
CA SER C 130 4.28 55.16 -5.63
C SER C 130 3.88 56.25 -4.65
N LYS C 131 4.22 56.05 -3.37
CA LYS C 131 3.79 56.97 -2.30
C LYS C 131 4.93 57.85 -1.80
N SER C 132 6.17 57.42 -1.97
CA SER C 132 7.31 58.19 -1.49
C SER C 132 8.37 58.38 -2.57
N SER C 133 8.24 59.47 -3.32
CA SER C 133 9.14 59.82 -4.42
C SER C 133 10.63 59.66 -4.07
N ASP C 134 10.97 59.97 -2.81
CA ASP C 134 12.31 59.73 -2.21
C ASP C 134 12.93 58.35 -2.48
N LYS C 135 12.14 57.29 -2.31
CA LYS C 135 12.66 55.94 -2.44
C LYS C 135 12.59 55.40 -3.89
N SER C 136 13.59 54.62 -4.27
CA SER C 136 13.62 53.98 -5.58
C SER C 136 14.23 52.58 -5.57
N VAL C 137 14.08 51.85 -6.67
CA VAL C 137 14.79 50.58 -6.88
C VAL C 137 15.50 50.65 -8.22
N CYS C 138 16.47 49.77 -8.42
CA CYS C 138 17.14 49.64 -9.70
C CYS C 138 16.81 48.29 -10.33
N LEU C 139 16.37 48.32 -11.58
CA LEU C 139 15.90 47.14 -12.27
C LEU C 139 16.80 46.82 -13.45
N PHE C 140 17.52 45.70 -13.35
CA PHE C 140 18.38 45.21 -14.41
C PHE C 140 17.52 44.20 -15.16
N THR C 141 17.30 44.43 -16.45
CA THR C 141 16.33 43.63 -17.17
C THR C 141 16.72 43.35 -18.62
N ASP C 142 16.04 42.38 -19.23
CA ASP C 142 16.20 42.03 -20.65
C ASP C 142 17.60 41.51 -21.06
N PHE C 143 18.33 40.94 -20.12
CA PHE C 143 19.60 40.29 -20.44
C PHE C 143 19.36 38.83 -20.81
N ASP C 144 20.27 38.23 -21.59
CA ASP C 144 20.12 36.81 -21.92
C ASP C 144 20.59 35.92 -20.77
N SER C 145 20.51 34.61 -20.96
CA SER C 145 20.67 33.70 -19.82
C SER C 145 22.12 33.27 -19.56
N GLN C 146 23.05 33.87 -20.29
CA GLN C 146 24.46 33.69 -19.97
C GLN C 146 24.93 34.79 -19.00
N THR C 147 24.02 35.69 -18.60
CA THR C 147 24.33 36.69 -17.59
C THR C 147 24.00 36.18 -16.17
N ASN C 148 24.98 36.28 -15.27
CA ASN C 148 24.81 35.95 -13.86
C ASN C 148 24.67 37.23 -13.05
N VAL C 149 23.72 37.29 -12.13
CA VAL C 149 23.65 38.43 -11.23
C VAL C 149 24.34 38.09 -9.93
N SER C 150 25.38 38.85 -9.60
CA SER C 150 26.10 38.65 -8.37
C SER C 150 25.46 39.47 -7.24
N GLN C 151 25.56 38.96 -6.02
CA GLN C 151 25.17 39.70 -4.86
C GLN C 151 26.06 40.91 -4.78
N SER C 152 25.69 41.92 -4.01
CA SER C 152 26.56 43.10 -3.83
C SER C 152 27.69 42.87 -2.80
N LYS C 153 28.72 43.69 -2.91
CA LYS C 153 29.83 43.66 -1.95
C LYS C 153 29.48 44.48 -0.70
N ASP C 154 28.55 45.41 -0.84
CA ASP C 154 28.06 46.21 0.29
C ASP C 154 26.87 45.50 0.95
N SER C 155 26.95 45.31 2.27
CA SER C 155 25.94 44.57 3.01
C SER C 155 24.63 45.35 3.17
N ASP C 156 24.69 46.68 3.03
CA ASP C 156 23.50 47.53 3.05
C ASP C 156 22.85 47.70 1.67
N VAL C 157 23.36 46.97 0.69
CA VAL C 157 22.79 46.92 -0.65
C VAL C 157 22.18 45.54 -0.88
N TYR C 158 20.98 45.53 -1.45
CA TYR C 158 20.21 44.32 -1.70
C TYR C 158 20.06 44.08 -3.19
N ILE C 159 20.39 42.88 -3.63
CA ILE C 159 20.23 42.50 -5.02
C ILE C 159 19.53 41.16 -5.00
N THR C 160 18.43 41.06 -5.73
CA THR C 160 17.75 39.79 -5.83
C THR C 160 18.41 38.91 -6.88
N ASP C 161 18.13 37.61 -6.82
CA ASP C 161 18.47 36.70 -7.89
C ASP C 161 17.62 37.06 -9.10
N LYS C 162 18.07 36.64 -10.28
CA LYS C 162 17.32 36.91 -11.49
C LYS C 162 16.05 36.09 -11.50
N CYS C 163 15.05 36.59 -12.22
N CYS C 163 14.99 36.59 -12.14
CA CYS C 163 13.76 35.94 -12.36
CA CYS C 163 13.80 35.76 -12.37
C CYS C 163 13.44 36.05 -13.85
C CYS C 163 13.13 36.11 -13.69
N VAL C 164 12.75 35.06 -14.42
CA VAL C 164 12.20 35.23 -15.75
C VAL C 164 10.66 35.35 -15.72
N LEU C 165 10.13 36.40 -16.32
CA LEU C 165 8.69 36.54 -16.45
C LEU C 165 8.25 36.27 -17.89
N ASP C 166 6.99 35.89 -18.04
CA ASP C 166 6.46 35.45 -19.31
C ASP C 166 5.18 36.22 -19.60
N MET C 167 5.29 37.16 -20.55
CA MET C 167 4.14 37.88 -21.03
C MET C 167 3.49 36.98 -22.06
N ARG C 168 2.58 36.15 -21.58
CA ARG C 168 2.06 35.04 -22.35
C ARG C 168 1.43 35.43 -23.69
N SER C 169 0.60 36.47 -23.68
CA SER C 169 -0.16 36.91 -24.86
C SER C 169 0.75 37.51 -25.94
N MET C 170 1.89 38.03 -25.51
CA MET C 170 2.88 38.60 -26.43
C MET C 170 3.96 37.59 -26.83
N ASP C 171 3.85 36.35 -26.33
CA ASP C 171 4.88 35.31 -26.52
C ASP C 171 6.30 35.88 -26.29
N PHE C 172 6.50 36.41 -25.08
CA PHE C 172 7.68 37.18 -24.77
C PHE C 172 8.14 36.90 -23.34
N LYS C 173 9.44 36.64 -23.20
CA LYS C 173 10.06 36.35 -21.90
C LYS C 173 11.21 37.32 -21.63
N SER C 174 11.39 37.67 -20.37
CA SER C 174 12.50 38.53 -19.98
C SER C 174 13.01 38.25 -18.57
N ASN C 175 14.33 38.27 -18.44
CA ASN C 175 15.02 38.16 -17.17
C ASN C 175 15.04 39.53 -16.49
N SER C 176 15.05 39.55 -15.16
CA SER C 176 15.34 40.78 -14.45
C SER C 176 15.89 40.49 -13.06
N ALA C 177 16.60 41.47 -12.50
CA ALA C 177 17.03 41.40 -11.12
C ALA C 177 16.82 42.80 -10.56
N VAL C 178 16.66 42.91 -9.25
CA VAL C 178 16.30 44.19 -8.63
C VAL C 178 17.36 44.48 -7.56
N ALA C 179 17.78 45.73 -7.48
CA ALA C 179 18.66 46.16 -6.42
C ALA C 179 18.11 47.43 -5.78
N TRP C 180 18.32 47.57 -4.47
CA TRP C 180 17.94 48.76 -3.72
C TRP C 180 18.83 48.85 -2.49
N SER C 181 18.84 50.01 -1.85
CA SER C 181 19.68 50.25 -0.69
C SER C 181 19.23 51.53 -0.02
N ASN C 182 19.22 51.54 1.32
CA ASN C 182 18.83 52.75 2.05
C ASN C 182 19.96 53.79 2.10
N LYS C 183 21.17 53.39 1.71
CA LYS C 183 22.38 54.23 1.82
C LYS C 183 22.33 55.45 0.90
N ASP C 185 23.83 58.30 -1.91
CA ASP C 185 25.05 57.52 -1.72
C ASP C 185 25.06 56.28 -2.62
N PHE C 186 23.86 55.83 -3.02
CA PHE C 186 23.66 54.66 -3.89
C PHE C 186 22.82 55.03 -5.13
N ALA C 187 23.31 54.65 -6.31
CA ALA C 187 22.65 54.94 -7.57
C ALA C 187 22.69 53.74 -8.51
N CYS C 188 21.76 53.73 -9.46
CA CYS C 188 21.61 52.61 -10.37
C CYS C 188 22.86 52.34 -11.23
N ALA C 189 23.58 53.40 -11.58
CA ALA C 189 24.83 53.28 -12.33
C ALA C 189 25.79 52.26 -11.74
N ASN C 190 25.89 52.24 -10.41
CA ASN C 190 26.85 51.38 -9.73
C ASN C 190 26.22 50.17 -9.04
N ALA C 191 24.89 50.08 -9.10
CA ALA C 191 24.16 49.04 -8.41
C ALA C 191 24.63 47.63 -8.75
N PHE C 192 24.90 47.39 -10.04
CA PHE C 192 25.26 46.04 -10.48
C PHE C 192 26.77 45.86 -10.79
N ASN C 193 27.58 46.78 -10.27
CA ASN C 193 29.04 46.76 -10.42
C ASN C 193 29.75 45.46 -10.04
N ASN C 194 29.16 44.72 -9.11
CA ASN C 194 29.73 43.44 -8.68
C ASN C 194 29.42 42.29 -9.65
N SER C 195 28.48 42.53 -10.56
CA SER C 195 28.10 41.52 -11.56
C SER C 195 28.88 41.72 -12.87
N ILE C 196 29.07 40.65 -13.63
CA ILE C 196 29.58 40.77 -14.99
C ILE C 196 28.38 40.93 -15.94
N ILE C 197 28.20 42.17 -16.41
CA ILE C 197 27.05 42.52 -17.23
C ILE C 197 27.50 42.88 -18.65
N PRO C 198 26.60 42.75 -19.65
CA PRO C 198 26.96 43.06 -21.04
C PRO C 198 27.51 44.48 -21.21
N GLU C 199 28.45 44.61 -22.13
CA GLU C 199 29.06 45.90 -22.46
C GLU C 199 28.02 46.86 -23.06
N ASP C 200 27.09 46.31 -23.84
CA ASP C 200 26.03 47.10 -24.50
C ASP C 200 24.85 47.57 -23.59
N THR C 201 24.99 47.39 -22.27
CA THR C 201 23.91 47.70 -21.32
C THR C 201 23.51 49.18 -21.30
N PHE C 202 22.20 49.40 -21.42
CA PHE C 202 21.63 50.72 -21.46
C PHE C 202 21.49 51.31 -20.05
N PHE C 203 22.16 52.44 -19.82
CA PHE C 203 22.02 53.22 -18.57
C PHE C 203 21.51 54.62 -18.90
N PRO C 204 20.18 54.80 -18.86
CA PRO C 204 19.54 56.02 -19.32
C PRO C 204 19.83 57.28 -18.49
N SER C 205 19.91 58.42 -19.17
CA SER C 205 19.96 59.76 -18.54
C SER C 205 21.05 59.93 -17.47
N ALA D 3 -13.10 15.24 -9.07
CA ALA D 3 -12.99 14.87 -7.63
C ALA D 3 -11.95 15.73 -6.89
N ALA D 4 -12.42 16.74 -6.15
CA ALA D 4 -11.55 17.77 -5.51
C ALA D 4 -11.36 17.59 -3.99
N VAL D 5 -10.21 18.08 -3.46
CA VAL D 5 -9.87 18.01 -2.04
C VAL D 5 -9.30 19.37 -1.55
N THR D 6 -9.84 19.89 -0.45
CA THR D 6 -9.36 21.16 0.08
C THR D 6 -8.71 21.03 1.47
N GLN D 7 -7.86 22.00 1.80
CA GLN D 7 -7.09 21.99 3.04
C GLN D 7 -7.10 23.37 3.65
N SER D 8 -7.20 23.44 4.96
CA SER D 8 -7.11 24.74 5.63
C SER D 8 -6.40 24.55 6.96
N PRO D 9 -5.60 25.55 7.38
CA PRO D 9 -5.23 26.70 6.56
C PRO D 9 -4.24 26.23 5.50
N ARG D 10 -3.83 27.13 4.63
CA ARG D 10 -2.88 26.79 3.59
C ARG D 10 -1.44 27.05 4.06
N ASN D 11 -1.34 27.81 5.14
CA ASN D 11 -0.08 28.23 5.67
C ASN D 11 -0.29 28.61 7.12
N LYS D 12 0.60 28.17 8.00
CA LYS D 12 0.46 28.41 9.43
C LYS D 12 1.82 28.62 10.04
N VAL D 13 1.96 29.69 10.80
CA VAL D 13 3.12 29.89 11.63
C VAL D 13 2.72 29.60 13.07
N ALA D 14 3.42 28.67 13.72
CA ALA D 14 3.09 28.30 15.09
C ALA D 14 4.32 28.31 16.01
N VAL D 15 4.07 28.32 17.33
CA VAL D 15 5.12 28.24 18.35
C VAL D 15 5.26 26.79 18.88
N THR D 16 6.49 26.40 19.22
CA THR D 16 6.78 25.17 19.99
C THR D 16 5.86 25.06 21.21
N GLY D 17 5.19 23.92 21.32
CA GLY D 17 4.30 23.66 22.45
C GLY D 17 2.85 24.05 22.21
N GLY D 18 2.61 24.81 21.14
CA GLY D 18 1.25 25.21 20.76
C GLY D 18 0.47 24.10 20.09
N LYS D 19 -0.85 24.18 20.15
CA LYS D 19 -1.70 23.26 19.43
C LYS D 19 -1.96 23.74 18.01
N VAL D 20 -1.80 22.84 17.06
CA VAL D 20 -2.07 23.12 15.65
C VAL D 20 -2.99 22.03 15.09
N THR D 21 -4.00 22.46 14.35
CA THR D 21 -4.92 21.55 13.66
C THR D 21 -4.88 21.84 12.19
N LEU D 22 -4.60 20.80 11.42
CA LEU D 22 -4.62 20.89 9.98
C LEU D 22 -5.88 20.20 9.53
N SER D 23 -6.66 20.90 8.72
CA SER D 23 -7.94 20.36 8.32
C SER D 23 -7.99 20.05 6.83
N CYS D 24 -8.68 18.96 6.53
CA CYS D 24 -8.89 18.52 5.17
C CYS D 24 -10.35 18.23 4.93
N ASN D 25 -10.89 18.82 3.87
CA ASN D 25 -12.28 18.60 3.47
C ASN D 25 -12.45 18.04 2.08
N GLN D 26 -13.45 17.18 1.92
CA GLN D 26 -13.65 16.45 0.70
C GLN D 26 -15.15 16.17 0.55
N THR D 27 -15.72 16.56 -0.59
CA THR D 27 -17.15 16.38 -0.83
C THR D 27 -17.47 15.29 -1.87
N ASN D 28 -16.54 14.37 -2.08
CA ASN D 28 -16.64 13.32 -3.11
C ASN D 28 -17.36 12.09 -2.59
N ASN D 29 -17.71 12.12 -1.31
CA ASN D 29 -18.25 10.94 -0.59
C ASN D 29 -17.25 9.77 -0.58
N HIS D 30 -15.96 10.10 -0.48
CA HIS D 30 -14.90 9.10 -0.41
C HIS D 30 -14.81 8.55 1.01
N ASN D 31 -14.78 7.23 1.15
CA ASN D 31 -14.64 6.65 2.48
C ASN D 31 -13.26 6.95 3.05
N ASN D 32 -12.26 7.00 2.18
CA ASN D 32 -10.87 6.92 2.62
C ASN D 32 -10.08 8.24 2.53
N MET D 33 -9.41 8.61 3.61
CA MET D 33 -8.60 9.83 3.62
C MET D 33 -7.21 9.60 4.21
N TYR D 34 -6.25 10.43 3.84
CA TYR D 34 -4.86 10.16 4.12
C TYR D 34 -4.15 11.47 4.37
N TRP D 35 -3.23 11.45 5.34
CA TRP D 35 -2.42 12.61 5.63
C TRP D 35 -0.98 12.23 5.44
N TYR D 36 -0.23 13.10 4.80
CA TYR D 36 1.19 12.91 4.54
C TYR D 36 1.89 14.21 4.83
N ARG D 37 3.22 14.10 5.02
CA ARG D 37 4.10 15.25 5.03
C ARG D 37 5.22 15.03 4.04
N GLN D 38 5.67 16.14 3.48
CA GLN D 38 6.69 16.16 2.45
C GLN D 38 7.84 16.98 2.93
N ASP D 39 8.99 16.35 3.06
CA ASP D 39 10.21 17.08 3.43
C ASP D 39 11.30 16.87 2.39
N THR D 40 12.10 17.90 2.19
CA THR D 40 13.18 17.84 1.23
C THR D 40 14.00 16.58 1.47
N GLY D 41 14.41 15.95 0.36
CA GLY D 41 15.24 14.75 0.45
C GLY D 41 14.43 13.48 0.67
N HIS D 42 13.12 13.62 0.89
CA HIS D 42 12.24 12.47 1.11
C HIS D 42 11.04 12.46 0.20
N GLY D 43 10.47 11.30 -0.03
CA GLY D 43 9.20 11.25 -0.72
C GLY D 43 8.15 11.62 0.31
N LEU D 44 6.91 11.88 -0.13
CA LEU D 44 5.80 11.96 0.80
C LEU D 44 5.78 10.73 1.71
N ARG D 45 5.51 10.96 2.99
CA ARG D 45 5.47 9.91 3.99
C ARG D 45 4.11 9.91 4.69
N LEU D 46 3.52 8.74 4.87
CA LEU D 46 2.19 8.60 5.43
C LEU D 46 2.21 8.71 6.97
N ILE D 47 1.39 9.63 7.48
CA ILE D 47 1.30 9.94 8.91
C ILE D 47 0.15 9.17 9.54
N HIS D 48 -1.07 9.46 9.08
CA HIS D 48 -2.28 8.77 9.51
C HIS D 48 -3.24 8.68 8.34
N TYR D 49 -4.15 7.70 8.39
CA TYR D 49 -5.21 7.60 7.41
C TYR D 49 -6.53 7.19 8.04
N SER D 50 -7.57 7.15 7.21
CA SER D 50 -8.89 6.85 7.74
C SER D 50 -9.74 6.15 6.70
N TYR D 51 -10.40 5.07 7.10
CA TYR D 51 -11.28 4.31 6.25
C TYR D 51 -12.77 4.74 6.39
N GLY D 52 -13.03 5.77 7.20
CA GLY D 52 -14.38 6.29 7.36
C GLY D 52 -14.56 6.98 8.67
N ALA D 53 -15.75 7.56 8.84
CA ALA D 53 -16.04 8.38 10.00
C ALA D 53 -15.79 7.64 11.31
N GLY D 54 -15.13 8.32 12.23
CA GLY D 54 -14.86 7.77 13.55
C GLY D 54 -13.76 6.72 13.58
N SER D 55 -13.09 6.51 12.43
CA SER D 55 -11.96 5.59 12.28
C SER D 55 -10.72 6.39 11.93
N THR D 56 -9.61 6.11 12.61
CA THR D 56 -8.32 6.60 12.17
C THR D 56 -7.30 5.52 12.39
N GLU D 57 -6.32 5.49 11.49
CA GLU D 57 -5.27 4.48 11.50
C GLU D 57 -3.91 5.14 11.45
N LYS D 58 -2.98 4.64 12.27
CA LYS D 58 -1.59 5.08 12.20
C LYS D 58 -0.98 4.68 10.86
N GLY D 59 -0.25 5.62 10.27
CA GLY D 59 0.55 5.36 9.04
C GLY D 59 1.98 5.01 9.43
N ASP D 60 2.94 5.45 8.62
CA ASP D 60 4.36 5.09 8.87
C ASP D 60 5.02 5.98 9.90
N ILE D 61 4.62 7.25 9.95
CA ILE D 61 5.24 8.19 10.89
C ILE D 61 4.20 8.93 11.75
N PRO D 62 3.46 8.18 12.57
CA PRO D 62 2.35 8.76 13.34
C PRO D 62 2.80 9.62 14.53
N ASP D 63 4.01 9.37 15.05
CA ASP D 63 4.42 9.99 16.33
C ASP D 63 4.36 11.53 16.31
N GLY D 64 3.73 12.10 17.33
CA GLY D 64 3.58 13.56 17.46
C GLY D 64 2.33 14.11 16.80
N TYR D 65 1.53 13.22 16.22
CA TYR D 65 0.31 13.60 15.52
C TYR D 65 -0.82 12.72 16.00
N LYS D 66 -1.97 13.34 16.23
CA LYS D 66 -3.22 12.60 16.37
C LYS D 66 -4.09 12.87 15.13
N ALA D 67 -4.92 11.91 14.71
CA ALA D 67 -5.83 12.18 13.60
C ALA D 67 -7.27 12.18 14.12
N SER D 68 -8.17 12.83 13.41
CA SER D 68 -9.57 12.86 13.78
C SER D 68 -10.43 12.74 12.53
N ARG D 69 -11.37 11.80 12.53
CA ARG D 69 -12.29 11.71 11.42
C ARG D 69 -13.73 11.85 11.92
N PRO D 70 -14.16 13.10 12.23
CA PRO D 70 -15.50 13.30 12.82
C PRO D 70 -16.66 13.03 11.85
N SER D 71 -16.38 13.02 10.55
CA SER D 71 -17.40 12.86 9.51
C SER D 71 -16.74 12.35 8.24
N GLN D 72 -17.57 11.91 7.29
CA GLN D 72 -17.14 11.51 5.94
C GLN D 72 -16.36 12.63 5.25
N GLU D 73 -16.85 13.87 5.33
N GLU D 73 -16.88 13.86 5.38
CA GLU D 73 -16.19 15.01 4.67
CA GLU D 73 -16.31 15.07 4.77
C GLU D 73 -14.82 15.40 5.26
C GLU D 73 -14.89 15.45 5.27
N ASN D 74 -14.68 15.33 6.58
CA ASN D 74 -13.57 15.99 7.27
C ASN D 74 -12.56 15.07 7.96
N PHE D 75 -11.27 15.33 7.72
CA PHE D 75 -10.17 14.58 8.32
C PHE D 75 -9.15 15.60 8.83
N SER D 76 -8.95 15.64 10.16
CA SER D 76 -8.04 16.58 10.78
C SER D 76 -6.74 15.95 11.23
N LEU D 77 -5.67 16.73 11.14
CA LEU D 77 -4.38 16.32 11.69
C LEU D 77 -4.08 17.27 12.82
N ILE D 78 -3.92 16.71 14.01
CA ILE D 78 -3.84 17.51 15.22
C ILE D 78 -2.45 17.32 15.83
N LEU D 79 -1.76 18.43 16.00
CA LEU D 79 -0.45 18.46 16.64
C LEU D 79 -0.69 19.10 18.01
N GLU D 80 -0.71 18.28 19.04
CA GLU D 80 -1.05 18.74 20.39
C GLU D 80 0.07 19.57 20.99
N LEU D 81 1.31 19.18 20.71
CA LEU D 81 2.47 19.89 21.23
C LEU D 81 3.47 20.03 20.09
N ALA D 82 3.31 21.11 19.34
CA ALA D 82 4.04 21.31 18.13
C ALA D 82 5.53 21.41 18.42
N THR D 83 6.34 20.84 17.54
CA THR D 83 7.79 20.94 17.66
C THR D 83 8.33 21.44 16.31
N PRO D 84 9.50 22.10 16.32
CA PRO D 84 10.15 22.53 15.08
C PRO D 84 10.31 21.41 14.06
N SER D 85 10.42 20.17 14.52
CA SER D 85 10.56 19.03 13.63
C SER D 85 9.31 18.79 12.81
N GLN D 86 8.22 19.47 13.17
CA GLN D 86 6.98 19.36 12.41
C GLN D 86 6.82 20.45 11.35
N THR D 87 7.83 21.33 11.25
CA THR D 87 7.94 22.21 10.08
C THR D 87 7.98 21.36 8.80
N SER D 88 7.04 21.60 7.88
CA SER D 88 6.88 20.71 6.73
C SER D 88 5.72 21.17 5.84
N VAL D 89 5.57 20.51 4.68
CA VAL D 89 4.36 20.67 3.90
C VAL D 89 3.49 19.40 4.06
N TYR D 90 2.21 19.60 4.41
CA TYR D 90 1.30 18.51 4.69
C TYR D 90 0.28 18.35 3.58
N PHE D 91 0.09 17.13 3.10
CA PHE D 91 -0.84 16.88 2.05
C PHE D 91 -1.87 15.92 2.52
N CYS D 92 -3.12 16.26 2.27
CA CYS D 92 -4.22 15.40 2.55
C CYS D 92 -4.61 14.79 1.21
N ALA D 93 -5.13 13.56 1.23
CA ALA D 93 -5.66 12.96 0.01
C ALA D 93 -6.88 12.16 0.39
N SER D 94 -7.75 11.91 -0.58
CA SER D 94 -8.90 11.06 -0.36
C SER D 94 -9.06 10.06 -1.52
N GLY D 95 -9.84 9.00 -1.29
CA GLY D 95 -10.16 8.06 -2.38
C GLY D 95 -11.34 7.16 -2.07
N ASP D 96 -11.84 6.45 -3.07
CA ASP D 96 -12.83 5.42 -2.79
C ASP D 96 -12.14 4.06 -2.75
N GLU D 97 -12.83 3.00 -3.20
CA GLU D 97 -12.24 1.67 -3.12
C GLU D 97 -11.10 1.46 -4.12
N GLY D 98 -11.01 2.32 -5.13
CA GLY D 98 -9.97 2.26 -6.15
C GLY D 98 -8.61 2.69 -5.61
N TYR D 99 -7.56 2.57 -6.41
CA TYR D 99 -6.19 2.84 -5.94
C TYR D 99 -5.80 4.32 -6.00
N THR D 100 -6.49 5.12 -6.82
CA THR D 100 -6.19 6.56 -6.97
C THR D 100 -6.43 7.37 -5.68
N GLN D 101 -5.41 8.12 -5.27
CA GLN D 101 -5.55 9.07 -4.18
C GLN D 101 -5.58 10.49 -4.76
N TYR D 102 -6.60 11.26 -4.39
CA TYR D 102 -6.77 12.61 -4.94
C TYR D 102 -6.21 13.58 -3.94
N PHE D 103 -5.12 14.26 -4.30
CA PHE D 103 -4.40 15.12 -3.34
C PHE D 103 -4.92 16.52 -3.23
N GLY D 104 -4.92 17.03 -2.00
CA GLY D 104 -5.16 18.41 -1.70
C GLY D 104 -3.94 19.22 -2.05
N PRO D 105 -4.04 20.56 -1.96
CA PRO D 105 -3.03 21.53 -2.41
C PRO D 105 -1.84 21.72 -1.49
N GLY D 106 -1.92 21.21 -0.26
CA GLY D 106 -0.82 21.28 0.68
C GLY D 106 -0.98 22.37 1.71
N THR D 107 -0.43 22.14 2.91
CA THR D 107 -0.43 23.16 3.96
C THR D 107 1.01 23.32 4.43
N ARG D 108 1.49 24.55 4.41
CA ARG D 108 2.82 24.84 4.90
C ARG D 108 2.77 25.20 6.37
N LEU D 109 3.45 24.42 7.20
CA LEU D 109 3.56 24.75 8.62
C LEU D 109 5.00 25.13 8.96
N LEU D 110 5.16 26.23 9.66
CA LEU D 110 6.44 26.53 10.31
C LEU D 110 6.21 26.60 11.80
N VAL D 111 6.95 25.78 12.54
CA VAL D 111 6.98 25.85 14.00
C VAL D 111 8.26 26.54 14.51
N LEU D 112 8.12 27.76 15.02
CA LEU D 112 9.23 28.51 15.62
C LEU D 112 9.38 28.21 17.12
N GLU D 113 10.60 28.37 17.64
CA GLU D 113 10.88 28.20 19.06
C GLU D 113 10.20 29.30 19.87
N ASP D 114 10.09 30.47 19.25
CA ASP D 114 9.59 31.64 19.93
C ASP D 114 9.02 32.60 18.89
N LEU D 115 7.98 33.33 19.28
CA LEU D 115 7.29 34.26 18.39
C LEU D 115 7.74 35.72 18.47
N ARG D 116 8.78 36.01 19.27
CA ARG D 116 9.10 37.39 19.62
C ARG D 116 9.47 38.27 18.42
N ASN D 117 9.91 37.65 17.34
CA ASN D 117 10.42 38.37 16.20
C ASN D 117 9.45 38.49 15.04
N VAL D 118 8.28 37.88 15.17
CA VAL D 118 7.28 37.91 14.11
C VAL D 118 6.90 39.37 13.81
N THR D 119 6.90 39.72 12.52
CA THR D 119 6.76 41.10 12.05
C THR D 119 6.19 41.08 10.64
N PRO D 120 5.06 41.80 10.41
CA PRO D 120 4.49 41.84 9.07
C PRO D 120 5.37 42.71 8.14
N PRO D 121 5.18 42.59 6.81
CA PRO D 121 5.94 43.38 5.85
C PRO D 121 5.47 44.81 5.72
N LYS D 122 6.38 45.72 5.35
CA LYS D 122 5.98 46.95 4.66
C LYS D 122 5.94 46.57 3.17
N VAL D 123 4.99 47.12 2.43
CA VAL D 123 4.92 46.87 1.02
C VAL D 123 4.94 48.19 0.24
N SER D 124 5.86 48.29 -0.72
CA SER D 124 5.95 49.46 -1.57
C SER D 124 5.83 49.00 -3.00
N LEU D 125 5.20 49.83 -3.82
CA LEU D 125 5.06 49.57 -5.23
C LEU D 125 5.88 50.58 -5.95
N PHE D 126 6.73 50.11 -6.85
CA PHE D 126 7.57 51.01 -7.61
C PHE D 126 7.08 51.04 -9.05
N GLU D 127 6.88 52.24 -9.56
CA GLU D 127 6.22 52.45 -10.82
C GLU D 127 7.20 52.39 -12.00
N PRO D 128 6.70 51.93 -13.16
CA PRO D 128 7.52 51.85 -14.37
C PRO D 128 8.37 53.08 -14.67
N SER D 129 9.58 52.83 -15.13
CA SER D 129 10.50 53.88 -15.61
C SER D 129 10.02 54.43 -16.96
N LYS D 130 10.02 55.75 -17.12
CA LYS D 130 9.67 56.39 -18.38
C LYS D 130 10.67 55.96 -19.47
N ALA D 131 11.91 55.74 -19.08
CA ALA D 131 12.93 55.27 -20.03
C ALA D 131 12.61 53.87 -20.54
N GLU D 132 12.18 52.98 -19.64
CA GLU D 132 11.83 51.62 -20.04
C GLU D 132 10.75 51.69 -21.10
N ILE D 133 9.69 52.45 -20.77
CA ILE D 133 8.57 52.66 -21.67
C ILE D 133 9.02 53.11 -23.05
N SER D 134 9.88 54.12 -23.12
CA SER D 134 10.27 54.64 -24.43
C SER D 134 11.25 53.71 -25.14
N HIS D 135 11.96 52.88 -24.37
CA HIS D 135 12.98 52.00 -24.94
C HIS D 135 12.41 50.69 -25.48
N THR D 136 11.42 50.16 -24.78
CA THR D 136 10.93 48.79 -24.98
C THR D 136 9.43 48.73 -25.32
N GLN D 137 8.74 49.85 -25.10
CA GLN D 137 7.27 49.92 -25.15
C GLN D 137 6.63 48.95 -24.17
N LYS D 138 7.36 48.62 -23.13
CA LYS D 138 6.82 47.84 -22.03
C LYS D 138 7.00 48.63 -20.74
N ALA D 139 6.33 48.17 -19.69
CA ALA D 139 6.33 48.84 -18.41
C ALA D 139 6.38 47.80 -17.30
N THR D 140 7.47 47.81 -16.53
CA THR D 140 7.62 46.87 -15.42
C THR D 140 7.36 47.56 -14.10
N LEU D 141 6.37 47.08 -13.38
CA LEU D 141 6.13 47.48 -11.99
C LEU D 141 6.97 46.59 -11.05
N VAL D 142 7.58 47.18 -10.03
CA VAL D 142 8.24 46.38 -9.02
C VAL D 142 7.55 46.54 -7.65
N CYS D 143 7.30 45.40 -7.03
CA CYS D 143 6.79 45.35 -5.66
C CYS D 143 7.88 44.90 -4.71
N LEU D 144 7.90 45.48 -3.54
CA LEU D 144 8.89 45.17 -2.54
C LEU D 144 8.24 44.97 -1.18
N ALA D 145 8.33 43.77 -0.63
CA ALA D 145 7.89 43.51 0.74
C ALA D 145 9.13 43.52 1.61
N THR D 146 9.14 44.31 2.68
CA THR D 146 10.35 44.40 3.50
C THR D 146 10.05 44.28 4.98
N GLY D 147 11.10 43.96 5.73
CA GLY D 147 11.06 43.93 7.18
C GLY D 147 10.20 42.86 7.81
N PHE D 148 9.85 41.81 7.08
CA PHE D 148 8.99 40.77 7.64
C PHE D 148 9.75 39.58 8.24
N TYR D 149 9.06 38.87 9.15
CA TYR D 149 9.57 37.64 9.76
C TYR D 149 8.39 36.85 10.32
N PRO D 150 8.37 35.52 10.14
CA PRO D 150 9.32 34.74 9.33
C PRO D 150 9.01 34.87 7.82
N ASP D 151 9.47 33.94 7.01
CA ASP D 151 9.42 34.12 5.55
C ASP D 151 8.15 33.61 4.89
N HIS D 152 7.06 33.49 5.64
CA HIS D 152 5.83 32.89 5.11
C HIS D 152 4.91 33.95 4.55
N VAL D 153 5.16 34.29 3.29
CA VAL D 153 4.33 35.27 2.63
C VAL D 153 3.90 34.80 1.24
N GLU D 154 2.76 35.29 0.78
CA GLU D 154 2.27 35.00 -0.55
C GLU D 154 2.07 36.36 -1.20
N LEU D 155 2.84 36.61 -2.23
CA LEU D 155 2.77 37.87 -2.97
C LEU D 155 1.97 37.64 -4.25
N SER D 156 0.95 38.48 -4.47
CA SER D 156 0.14 38.35 -5.67
C SER D 156 -0.10 39.73 -6.27
N TRP D 157 -0.39 39.74 -7.58
CA TRP D 157 -0.66 40.95 -8.31
C TRP D 157 -2.12 41.01 -8.77
N TRP D 158 -2.71 42.19 -8.65
CA TRP D 158 -4.11 42.37 -8.99
C TRP D 158 -4.24 43.59 -9.88
N VAL D 159 -5.03 43.45 -10.93
CA VAL D 159 -5.34 44.56 -11.82
C VAL D 159 -6.87 44.63 -11.83
N ASN D 160 -7.39 45.77 -11.39
CA ASN D 160 -8.82 45.99 -11.37
C ASN D 160 -9.59 44.95 -10.61
N GLY D 161 -9.03 44.52 -9.49
CA GLY D 161 -9.71 43.59 -8.59
C GLY D 161 -9.61 42.13 -8.98
N LYS D 162 -8.78 41.83 -9.96
CA LYS D 162 -8.61 40.47 -10.47
C LYS D 162 -7.13 40.16 -10.54
N GLU D 163 -6.78 38.96 -10.08
CA GLU D 163 -5.39 38.54 -9.98
C GLU D 163 -4.82 38.29 -11.37
N VAL D 164 -3.57 38.69 -11.57
CA VAL D 164 -2.86 38.41 -12.84
C VAL D 164 -1.63 37.54 -12.57
N HIS D 165 -1.32 36.65 -13.51
CA HIS D 165 -0.17 35.77 -13.42
C HIS D 165 0.77 35.98 -14.60
N SER D 166 0.19 36.25 -15.77
CA SER D 166 0.99 36.56 -16.95
C SER D 166 1.82 37.82 -16.72
N GLY D 167 3.08 37.77 -17.14
CA GLY D 167 3.99 38.91 -17.00
C GLY D 167 4.54 39.10 -15.59
N VAL D 168 4.34 38.12 -14.71
CA VAL D 168 4.80 38.22 -13.32
C VAL D 168 5.98 37.28 -13.02
N CYS D 169 6.96 37.79 -12.28
N CYS D 169 7.00 37.76 -12.30
CA CYS D 169 7.91 36.92 -11.61
CA CYS D 169 7.90 36.83 -11.60
C CYS D 169 8.13 37.43 -10.19
C CYS D 169 8.38 37.35 -10.24
N THR D 170 8.17 36.50 -9.23
CA THR D 170 8.48 36.80 -7.85
C THR D 170 9.70 35.99 -7.47
N ASP D 171 10.64 36.59 -6.75
CA ASP D 171 11.85 35.89 -6.27
C ASP D 171 11.43 34.54 -5.66
N PRO D 172 12.17 33.46 -5.95
CA PRO D 172 11.76 32.15 -5.42
C PRO D 172 11.82 32.13 -3.92
N GLN D 173 12.81 32.79 -3.34
CA GLN D 173 12.92 32.85 -1.87
C GLN D 173 13.20 34.30 -1.42
N PRO D 174 12.65 34.70 -0.27
CA PRO D 174 12.96 36.02 0.32
C PRO D 174 14.43 36.15 0.65
N LEU D 175 14.94 37.38 0.69
CA LEU D 175 16.33 37.61 1.08
C LEU D 175 16.49 38.17 2.50
N LYS D 176 17.63 37.90 3.13
CA LYS D 176 17.88 38.32 4.50
C LYS D 176 18.43 39.74 4.52
N GLU D 177 17.77 40.61 5.30
CA GLU D 177 18.17 42.01 5.39
C GLU D 177 19.40 42.19 6.26
N GLN D 178 19.57 41.31 7.23
CA GLN D 178 20.77 41.23 8.07
C GLN D 178 21.24 39.77 8.19
N PRO D 179 21.95 39.25 7.16
CA PRO D 179 22.49 37.88 7.14
C PRO D 179 23.31 37.50 8.38
N ALA D 180 24.04 38.46 8.95
CA ALA D 180 24.85 38.21 10.16
C ALA D 180 24.01 37.91 11.41
N LEU D 181 22.72 38.24 11.37
CA LEU D 181 21.86 38.17 12.55
C LEU D 181 21.00 36.91 12.65
N ASN D 182 20.69 36.51 13.89
CA ASN D 182 19.96 35.29 14.20
C ASN D 182 18.57 35.24 13.57
N ASP D 183 17.75 36.23 13.90
CA ASP D 183 16.38 36.20 13.42
C ASP D 183 16.18 37.33 12.41
N SER D 184 16.99 37.30 11.36
CA SER D 184 17.02 38.35 10.35
C SER D 184 15.64 38.49 9.76
N ARG D 185 15.24 39.72 9.52
CA ARG D 185 14.02 39.94 8.79
C ARG D 185 14.29 39.71 7.29
N TYR D 186 13.23 39.62 6.50
CA TYR D 186 13.34 39.30 5.09
C TYR D 186 12.82 40.40 4.18
N SER D 187 13.32 40.41 2.96
CA SER D 187 12.71 41.16 1.87
C SER D 187 12.36 40.20 0.75
N LEU D 188 11.39 40.57 -0.06
CA LEU D 188 11.03 39.79 -1.23
C LEU D 188 10.63 40.78 -2.31
N SER D 189 11.09 40.57 -3.55
CA SER D 189 10.60 41.42 -4.64
C SER D 189 9.83 40.66 -5.69
N SER D 190 9.03 41.39 -6.46
CA SER D 190 8.30 40.82 -7.56
C SER D 190 8.20 41.85 -8.66
N ARG D 191 8.07 41.38 -9.90
CA ARG D 191 7.88 42.25 -11.04
C ARG D 191 6.59 41.90 -11.75
N LEU D 192 5.88 42.94 -12.19
CA LEU D 192 4.77 42.76 -13.12
C LEU D 192 5.08 43.61 -14.35
N ARG D 193 5.18 42.95 -15.49
CA ARG D 193 5.48 43.67 -16.72
C ARG D 193 4.25 43.71 -17.62
N VAL D 194 3.91 44.91 -18.07
CA VAL D 194 2.80 45.10 -18.98
C VAL D 194 3.27 45.90 -20.19
N SER D 195 2.45 45.97 -21.23
CA SER D 195 2.70 46.91 -22.32
C SER D 195 2.55 48.34 -21.81
N ALA D 196 3.32 49.25 -22.41
CA ALA D 196 3.25 50.67 -22.07
C ALA D 196 1.81 51.16 -22.06
N THR D 197 1.05 50.84 -23.12
CA THR D 197 -0.31 51.36 -23.25
C THR D 197 -1.26 50.85 -22.15
N PHE D 198 -1.02 49.65 -21.64
CA PHE D 198 -1.76 49.14 -20.50
C PHE D 198 -1.44 49.95 -19.23
N TRP D 199 -0.14 50.14 -18.96
CA TRP D 199 0.29 51.02 -17.87
C TRP D 199 -0.18 52.46 -18.05
N GLN D 200 -0.26 52.91 -19.29
CA GLN D 200 -0.62 54.30 -19.55
C GLN D 200 -2.11 54.57 -19.35
N ASN D 201 -2.89 53.50 -19.21
CA ASN D 201 -4.35 53.62 -19.13
C ASN D 201 -4.78 53.96 -17.71
N PRO D 202 -5.23 55.20 -17.47
CA PRO D 202 -5.55 55.68 -16.12
C PRO D 202 -6.70 54.95 -15.43
N ARG D 203 -7.41 54.10 -16.17
CA ARG D 203 -8.46 53.26 -15.56
C ARG D 203 -7.98 51.87 -15.11
N ASN D 204 -6.69 51.61 -15.30
CA ASN D 204 -6.10 50.41 -14.76
C ASN D 204 -5.51 50.64 -13.39
N HIS D 205 -6.01 49.85 -12.44
CA HIS D 205 -5.63 49.98 -11.06
C HIS D 205 -4.84 48.76 -10.66
N PHE D 206 -3.56 48.98 -10.40
CA PHE D 206 -2.61 47.97 -10.07
C PHE D 206 -2.39 47.94 -8.57
N ARG D 207 -2.34 46.72 -8.03
CA ARG D 207 -2.08 46.48 -6.61
C ARG D 207 -1.19 45.25 -6.45
N CYS D 208 -0.19 45.38 -5.59
CA CYS D 208 0.67 44.30 -5.19
C CYS D 208 0.20 43.92 -3.80
N GLN D 209 -0.14 42.66 -3.58
CA GLN D 209 -0.71 42.23 -2.31
C GLN D 209 0.21 41.21 -1.67
N VAL D 210 0.49 41.42 -0.38
CA VAL D 210 1.27 40.46 0.36
C VAL D 210 0.49 39.92 1.53
N GLN D 211 0.15 38.64 1.47
CA GLN D 211 -0.53 37.97 2.53
C GLN D 211 0.55 37.45 3.44
N PHE D 212 0.54 37.93 4.69
CA PHE D 212 1.53 37.56 5.69
C PHE D 212 0.91 36.58 6.68
N TYR D 213 1.66 35.54 7.00
CA TYR D 213 1.28 34.60 8.03
C TYR D 213 2.08 34.87 9.29
N GLY D 214 1.35 35.17 10.36
CA GLY D 214 1.97 35.49 11.64
C GLY D 214 1.11 34.92 12.73
N LEU D 215 0.85 35.74 13.73
CA LEU D 215 0.11 35.29 14.90
C LEU D 215 -1.40 35.16 14.63
N SER D 216 -2.02 34.36 15.48
CA SER D 216 -3.47 34.25 15.51
C SER D 216 -3.97 35.20 16.59
N GLU D 217 -5.27 35.49 16.56
CA GLU D 217 -5.90 36.29 17.62
C GLU D 217 -5.71 35.67 19.00
N ASN D 218 -5.71 34.34 19.06
CA ASN D 218 -5.52 33.59 20.31
C ASN D 218 -4.14 33.76 20.96
N ASP D 219 -3.11 34.09 20.16
CA ASP D 219 -1.73 34.09 20.64
C ASP D 219 -1.45 35.23 21.61
N GLU D 220 -0.74 34.93 22.70
CA GLU D 220 -0.35 35.97 23.65
C GLU D 220 0.72 36.88 23.06
N TRP D 221 0.66 38.16 23.43
CA TRP D 221 1.60 39.15 22.92
C TRP D 221 1.95 40.16 24.00
N THR D 222 3.23 40.18 24.38
CA THR D 222 3.69 40.97 25.53
C THR D 222 4.53 42.20 25.12
N GLN D 223 4.73 42.37 23.82
CA GLN D 223 5.52 43.48 23.29
C GLN D 223 4.67 44.72 23.00
N ASP D 224 5.35 45.85 22.94
CA ASP D 224 4.74 47.15 22.76
C ASP D 224 4.12 47.34 21.38
N ARG D 225 4.83 46.90 20.34
CA ARG D 225 4.36 47.07 18.97
C ARG D 225 3.06 46.30 18.71
N ALA D 226 2.35 46.67 17.64
CA ALA D 226 1.16 45.95 17.23
C ALA D 226 1.42 44.44 17.16
N LYS D 227 0.44 43.66 17.57
CA LYS D 227 0.50 42.20 17.50
C LYS D 227 0.61 41.78 16.04
N PRO D 228 1.72 41.09 15.66
CA PRO D 228 2.01 40.80 14.25
C PRO D 228 1.15 39.65 13.73
N VAL D 229 -0.15 39.92 13.65
CA VAL D 229 -1.12 38.94 13.19
C VAL D 229 -1.00 38.66 11.69
N THR D 230 -1.49 37.48 11.31
CA THR D 230 -1.80 37.17 9.92
C THR D 230 -2.64 38.30 9.36
N GLN D 231 -2.24 38.78 8.19
CA GLN D 231 -2.81 40.01 7.60
C GLN D 231 -2.34 40.19 6.18
N ILE D 232 -3.07 41.02 5.45
CA ILE D 232 -2.65 41.46 4.14
C ILE D 232 -2.09 42.86 4.24
N VAL D 233 -0.98 43.08 3.54
CA VAL D 233 -0.45 44.42 3.35
C VAL D 233 -0.31 44.60 1.86
N SER D 234 -0.70 45.77 1.35
CA SER D 234 -0.63 45.97 -0.09
C SER D 234 -0.25 47.40 -0.41
N ALA D 235 0.10 47.60 -1.66
CA ALA D 235 0.46 48.90 -2.18
C ALA D 235 -0.09 48.92 -3.59
N GLU D 236 -0.39 50.11 -4.04
CA GLU D 236 -1.31 50.27 -5.12
C GLU D 236 -0.92 51.51 -5.93
N ALA D 237 -1.14 51.47 -7.26
CA ALA D 237 -1.04 52.64 -8.11
C ALA D 237 -1.92 52.51 -9.35
N TRP D 238 -2.36 53.65 -9.87
CA TRP D 238 -3.15 53.68 -11.08
C TRP D 238 -2.25 53.95 -12.28
N GLY D 239 -2.61 53.38 -13.43
CA GLY D 239 -1.94 53.73 -14.68
C GLY D 239 -2.08 55.21 -14.97
N ARG D 240 -1.29 55.71 -15.92
CA ARG D 240 -1.34 57.13 -16.35
C ARG D 240 -0.53 57.37 -17.63
N ALA D 241 -0.88 58.42 -18.37
CA ALA D 241 -0.25 58.79 -19.64
C ALA D 241 1.25 59.07 -19.51
#